data_6L5J
#
_entry.id   6L5J
#
_cell.length_a   60.389
_cell.length_b   67.997
_cell.length_c   79.772
_cell.angle_alpha   92.620
_cell.angle_beta   108.500
_cell.angle_gamma   113.840
#
_symmetry.space_group_name_H-M   'P 1'
#
_entity_poly.entity_id   1
_entity_poly.type   'polypeptide(L)'
_entity_poly.pdbx_seq_one_letter_code
;GA(MSE)ESTVNALTSELRDLRAQREEAAAAHAQEVRRLQEQARDLGKQRDSC(MSE)REAEELRTQLRL(MSE)EDARD
GLRRELLEAQRKLRESQEGREVQRQEAGELRRSLGEGAKEREALRRSNEELRSAVKKAESERISLKLANEDKEQKLALLE
EARTAVGKEAGELRTGLQEVERSRLEARRELQELRRQ(MSE)K(MSE)LDSENTRLGRELAELQGRLALGERAEW
;
_entity_poly.pdbx_strand_id   A,B,C,D
#
# COMPACT_ATOMS: atom_id res chain seq x y z
N MSE A 3 3.63 -182.09 85.77
CA MSE A 3 3.79 -182.69 84.46
C MSE A 3 4.99 -182.16 83.71
O MSE A 3 5.77 -181.37 84.23
CB MSE A 3 2.54 -182.47 83.61
CG MSE A 3 1.32 -183.25 84.05
SE MSE A 3 -0.22 -182.83 82.93
CE MSE A 3 0.21 -183.85 81.32
N GLU A 4 5.12 -182.59 82.46
CA GLU A 4 6.20 -182.13 81.60
C GLU A 4 5.69 -181.66 80.25
N SER A 5 4.62 -182.29 79.74
CA SER A 5 4.12 -181.93 78.42
C SER A 5 3.59 -180.50 78.39
N THR A 6 2.77 -180.15 79.38
CA THR A 6 2.23 -178.80 79.40
C THR A 6 3.26 -177.78 79.91
N VAL A 7 4.23 -178.21 80.72
CA VAL A 7 5.19 -177.25 81.26
C VAL A 7 6.12 -176.73 80.17
N ASN A 8 6.43 -177.56 79.15
CA ASN A 8 7.31 -177.10 78.08
C ASN A 8 6.59 -176.22 77.06
N ALA A 9 5.33 -176.53 76.76
CA ALA A 9 4.57 -175.67 75.85
C ALA A 9 4.36 -174.29 76.46
N LEU A 10 4.20 -174.23 77.78
CA LEU A 10 4.09 -172.91 78.41
C LEU A 10 5.46 -172.25 78.56
N THR A 11 6.51 -173.00 78.91
CA THR A 11 7.85 -172.39 78.93
C THR A 11 8.25 -171.93 77.53
N SER A 12 7.74 -172.60 76.49
CA SER A 12 7.92 -172.10 75.12
C SER A 12 7.20 -170.78 74.91
N GLU A 13 6.08 -170.56 75.60
CA GLU A 13 5.40 -169.27 75.54
C GLU A 13 6.20 -168.20 76.28
N LEU A 14 6.73 -168.55 77.45
CA LEU A 14 7.64 -167.66 78.17
C LEU A 14 8.81 -167.24 77.29
N ARG A 15 9.41 -168.18 76.57
CA ARG A 15 10.51 -167.82 75.67
C ARG A 15 10.02 -167.02 74.48
N ASP A 16 8.80 -167.29 74.01
CA ASP A 16 8.33 -166.66 72.78
C ASP A 16 8.04 -165.17 72.98
N LEU A 17 7.38 -164.81 74.07
CA LEU A 17 7.00 -163.43 74.29
C LEU A 17 8.17 -162.59 74.82
N ARG A 18 8.95 -163.13 75.75
CA ARG A 18 10.14 -162.42 76.21
C ARG A 18 11.04 -162.05 75.05
N ALA A 19 11.15 -162.95 74.07
CA ALA A 19 11.88 -162.62 72.85
C ALA A 19 11.12 -161.61 72.00
N GLN A 20 9.78 -161.59 72.07
CA GLN A 20 9.03 -160.68 71.19
C GLN A 20 9.05 -159.24 71.73
N ARG A 21 8.91 -159.07 73.04
CA ARG A 21 9.03 -157.77 73.67
C ARG A 21 10.47 -157.27 73.66
N GLU A 22 11.44 -158.17 73.62
CA GLU A 22 12.82 -157.76 73.35
C GLU A 22 12.89 -156.99 72.03
N GLU A 23 12.36 -157.58 70.94
CA GLU A 23 12.38 -156.92 69.63
C GLU A 23 11.37 -155.79 69.52
N ALA A 24 10.27 -155.86 70.28
CA ALA A 24 9.31 -154.76 70.29
C ALA A 24 9.89 -153.53 70.97
N ALA A 25 10.53 -153.72 72.13
CA ALA A 25 11.20 -152.57 72.74
C ALA A 25 12.21 -151.96 71.78
N ALA A 26 12.92 -152.79 71.03
CA ALA A 26 13.94 -152.28 70.12
C ALA A 26 13.33 -151.51 68.95
N ALA A 27 12.25 -152.05 68.37
CA ALA A 27 11.57 -151.35 67.28
C ALA A 27 10.78 -150.15 67.78
N HIS A 28 10.51 -150.08 69.09
CA HIS A 28 9.85 -148.90 69.65
C HIS A 28 10.84 -147.78 69.88
N ALA A 29 12.04 -148.10 70.37
CA ALA A 29 13.04 -147.05 70.57
C ALA A 29 13.51 -146.48 69.24
N GLN A 30 13.75 -147.35 68.25
CA GLN A 30 14.23 -146.87 66.96
C GLN A 30 13.20 -145.97 66.28
N GLU A 31 11.92 -146.27 66.44
CA GLU A 31 10.91 -145.48 65.73
C GLU A 31 10.74 -144.09 66.38
N VAL A 32 10.77 -144.02 67.72
CA VAL A 32 10.74 -142.71 68.38
C VAL A 32 12.06 -142.00 68.18
N ARG A 33 13.14 -142.74 68.00
CA ARG A 33 14.42 -142.16 67.61
C ARG A 33 14.29 -141.39 66.30
N ARG A 34 13.61 -141.98 65.31
CA ARG A 34 13.50 -141.35 64.01
C ARG A 34 12.48 -140.22 64.04
N LEU A 35 11.35 -140.43 64.72
CA LEU A 35 10.35 -139.36 64.82
C LEU A 35 10.92 -138.12 65.51
N GLN A 36 11.53 -138.31 66.68
CA GLN A 36 12.15 -137.19 67.37
C GLN A 36 13.15 -136.47 66.47
N GLU A 37 14.01 -137.25 65.81
CA GLU A 37 14.98 -136.69 64.88
C GLU A 37 14.33 -136.00 63.67
N GLN A 38 13.08 -136.31 63.35
CA GLN A 38 12.42 -135.59 62.27
C GLN A 38 11.93 -134.24 62.74
N ALA A 39 11.20 -134.22 63.85
CA ALA A 39 10.72 -132.95 64.38
C ALA A 39 11.88 -132.04 64.81
N ARG A 40 13.04 -132.63 65.12
CA ARG A 40 14.26 -131.84 65.33
C ARG A 40 14.64 -131.09 64.06
N ASP A 41 14.72 -131.81 62.94
CA ASP A 41 15.10 -131.16 61.70
C ASP A 41 14.12 -130.06 61.33
N LEU A 42 12.82 -130.37 61.38
CA LEU A 42 11.73 -129.44 61.10
C LEU A 42 11.69 -128.29 62.11
N GLY A 43 12.14 -128.51 63.33
CA GLY A 43 12.26 -127.40 64.26
C GLY A 43 13.45 -126.51 63.95
N LYS A 44 14.53 -127.10 63.41
CA LYS A 44 15.72 -126.33 63.08
C LYS A 44 15.54 -125.52 61.80
N GLN A 45 14.55 -125.90 60.99
CA GLN A 45 14.20 -125.19 59.77
C GLN A 45 13.30 -123.99 60.08
N ARG A 46 12.23 -124.22 60.85
CA ARG A 46 11.37 -123.14 61.31
C ARG A 46 12.14 -122.10 62.11
N ASP A 47 13.03 -122.51 63.00
CA ASP A 47 13.77 -121.51 63.76
C ASP A 47 14.61 -120.63 62.84
N SER A 48 15.12 -121.20 61.75
CA SER A 48 16.07 -120.51 60.88
C SER A 48 15.36 -119.60 59.88
N CYS A 49 14.07 -119.83 59.68
CA CYS A 49 13.19 -118.98 58.90
C CYS A 49 12.72 -117.79 59.71
N MSE A 50 12.03 -118.04 60.82
CA MSE A 50 11.63 -116.97 61.73
C MSE A 50 12.81 -116.07 62.07
O MSE A 50 12.63 -114.88 62.29
CB MSE A 50 11.06 -117.53 63.03
CG MSE A 50 9.73 -118.25 62.91
SE MSE A 50 9.21 -119.00 64.64
CE MSE A 50 8.62 -117.39 65.58
N ARG A 51 14.01 -116.67 62.12
CA ARG A 51 15.24 -115.91 62.33
C ARG A 51 15.55 -115.01 61.12
N GLU A 52 15.29 -115.50 59.92
CA GLU A 52 15.41 -114.60 58.77
C GLU A 52 14.24 -113.63 58.68
N ALA A 53 13.07 -114.01 59.17
CA ALA A 53 11.89 -113.15 59.09
C ALA A 53 12.03 -111.89 59.94
N GLU A 54 12.52 -112.02 61.17
CA GLU A 54 12.72 -110.84 62.00
C GLU A 54 13.84 -109.95 61.47
N GLU A 55 14.80 -110.52 60.75
CA GLU A 55 15.83 -109.69 60.14
C GLU A 55 15.27 -108.84 59.01
N LEU A 56 14.25 -109.35 58.31
CA LEU A 56 13.62 -108.56 57.26
C LEU A 56 12.71 -107.49 57.84
N ARG A 57 11.76 -107.90 58.69
CA ARG A 57 10.89 -106.97 59.41
C ARG A 57 11.67 -105.85 60.09
N THR A 58 12.91 -106.15 60.50
CA THR A 58 13.78 -105.12 61.05
C THR A 58 14.19 -104.13 59.97
N GLN A 59 14.61 -104.65 58.81
CA GLN A 59 15.01 -103.81 57.69
C GLN A 59 13.82 -103.14 57.01
N LEU A 60 12.64 -103.76 57.13
CA LEU A 60 11.40 -103.16 56.63
C LEU A 60 11.10 -101.83 57.32
N ARG A 61 10.88 -101.90 58.64
CA ARG A 61 10.75 -100.73 59.50
C ARG A 61 11.81 -99.68 59.22
N LEU A 62 13.06 -100.07 58.97
CA LEU A 62 14.09 -99.07 58.70
C LEU A 62 13.86 -98.34 57.37
N MSE A 63 13.34 -99.04 56.35
CA MSE A 63 13.17 -98.43 55.03
C MSE A 63 11.89 -97.60 55.00
O MSE A 63 11.81 -96.60 54.31
CB MSE A 63 13.11 -99.53 53.96
CG MSE A 63 13.31 -99.06 52.52
SE MSE A 63 15.15 -98.45 52.13
CE MSE A 63 16.11 -100.15 52.02
N GLU A 64 10.88 -98.05 55.77
CA GLU A 64 9.68 -97.26 55.97
C GLU A 64 10.00 -95.96 56.71
N ASP A 65 10.84 -96.04 57.73
CA ASP A 65 11.29 -94.84 58.42
C ASP A 65 12.00 -93.91 57.46
N ALA A 66 12.78 -94.47 56.52
CA ALA A 66 13.47 -93.63 55.54
C ALA A 66 12.50 -93.13 54.49
N ARG A 67 11.48 -93.93 54.15
CA ARG A 67 10.42 -93.44 53.27
C ARG A 67 9.66 -92.31 53.92
N ASP A 68 9.27 -92.47 55.19
CA ASP A 68 8.51 -91.43 55.86
C ASP A 68 9.32 -90.14 56.00
N GLY A 69 10.64 -90.27 56.17
CA GLY A 69 11.48 -89.10 56.25
C GLY A 69 11.52 -88.34 54.94
N LEU A 70 11.48 -89.05 53.82
CA LEU A 70 11.49 -88.41 52.51
C LEU A 70 10.13 -87.79 52.17
N ARG A 71 9.05 -88.47 52.57
CA ARG A 71 7.72 -87.91 52.37
C ARG A 71 7.55 -86.61 53.15
N ARG A 72 7.90 -86.63 54.44
CA ARG A 72 7.89 -85.40 55.23
C ARG A 72 8.56 -84.27 54.48
N GLU A 73 9.63 -84.58 53.76
CA GLU A 73 10.46 -83.48 53.30
C GLU A 73 10.07 -82.96 51.93
N LEU A 74 9.62 -83.85 51.04
CA LEU A 74 8.97 -83.44 49.82
C LEU A 74 7.82 -82.47 50.06
N LEU A 75 7.07 -82.65 51.16
CA LEU A 75 6.00 -81.71 51.46
C LEU A 75 6.54 -80.33 51.81
N GLU A 76 7.67 -80.27 52.53
CA GLU A 76 8.30 -78.96 52.73
C GLU A 76 8.87 -78.42 51.43
N ALA A 77 9.52 -79.28 50.64
CA ALA A 77 10.00 -78.88 49.33
C ALA A 77 8.86 -78.30 48.50
N GLN A 78 7.71 -78.99 48.50
CA GLN A 78 6.55 -78.54 47.73
C GLN A 78 6.06 -77.20 48.22
N ARG A 79 5.86 -77.06 49.54
CA ARG A 79 5.39 -75.79 50.10
C ARG A 79 6.35 -74.64 49.78
N LYS A 80 7.67 -74.88 49.77
CA LYS A 80 8.58 -73.77 49.54
C LYS A 80 8.58 -73.33 48.08
N LEU A 81 8.42 -74.29 47.19
CA LEU A 81 8.35 -74.06 45.76
C LEU A 81 7.10 -73.30 45.38
N ARG A 82 5.93 -73.74 45.84
CA ARG A 82 4.72 -73.08 45.40
C ARG A 82 4.61 -71.68 45.98
N GLU A 83 5.17 -71.44 47.18
CA GLU A 83 5.12 -70.09 47.70
C GLU A 83 6.20 -69.18 47.11
N SER A 84 7.24 -69.76 46.49
CA SER A 84 8.17 -68.95 45.73
C SER A 84 7.58 -68.57 44.38
N GLN A 85 6.97 -69.54 43.69
CA GLN A 85 6.21 -69.23 42.49
C GLN A 85 5.25 -68.08 42.73
N GLU A 86 4.55 -68.07 43.87
CA GLU A 86 3.64 -66.96 44.12
C GLU A 86 4.37 -65.63 44.20
N GLY A 87 5.66 -65.66 44.54
CA GLY A 87 6.43 -64.44 44.60
C GLY A 87 6.99 -64.01 43.27
N ARG A 88 7.21 -64.95 42.35
CA ARG A 88 7.73 -64.56 41.04
C ARG A 88 6.59 -64.24 40.09
N GLU A 89 5.38 -64.74 40.38
CA GLU A 89 4.21 -64.37 39.60
C GLU A 89 3.54 -63.13 40.14
N VAL A 90 3.89 -62.71 41.36
CA VAL A 90 3.58 -61.36 41.83
C VAL A 90 4.55 -60.35 41.24
N GLN A 91 5.85 -60.67 41.27
CA GLN A 91 6.82 -59.79 40.67
C GLN A 91 6.64 -59.68 39.15
N ARG A 92 6.16 -60.76 38.50
CA ARG A 92 5.96 -60.70 37.06
C ARG A 92 4.85 -59.73 36.71
N GLN A 93 3.66 -59.87 37.31
CA GLN A 93 2.58 -58.93 37.05
C GLN A 93 2.95 -57.51 37.47
N GLU A 94 3.78 -57.37 38.51
CA GLU A 94 4.38 -56.07 38.83
C GLU A 94 5.21 -55.55 37.65
N ALA A 95 5.98 -56.42 36.99
CA ALA A 95 6.87 -55.96 35.94
C ALA A 95 6.10 -55.56 34.68
N GLY A 96 4.93 -56.16 34.46
CA GLY A 96 4.13 -55.82 33.30
C GLY A 96 3.47 -54.48 33.45
N GLU A 97 3.15 -54.08 34.69
CA GLU A 97 2.72 -52.71 34.93
C GLU A 97 3.85 -51.73 34.70
N LEU A 98 5.05 -52.03 35.21
CA LEU A 98 6.15 -51.10 35.00
C LEU A 98 6.46 -50.94 33.52
N ARG A 99 6.46 -52.03 32.76
CA ARG A 99 6.71 -51.96 31.34
C ARG A 99 5.59 -51.24 30.59
N ARG A 100 4.37 -51.22 31.14
CA ARG A 100 3.29 -50.48 30.51
C ARG A 100 3.42 -48.98 30.80
N SER A 101 3.72 -48.61 32.04
CA SER A 101 3.89 -47.18 32.36
C SER A 101 5.05 -46.58 31.58
N LEU A 102 6.14 -47.33 31.41
CA LEU A 102 7.26 -46.88 30.60
C LEU A 102 6.88 -46.84 29.13
N GLY A 103 5.98 -47.72 28.70
CA GLY A 103 5.54 -47.69 27.32
C GLY A 103 4.67 -46.48 27.02
N GLU A 104 3.99 -45.95 28.05
CA GLU A 104 3.14 -44.79 27.87
C GLU A 104 3.95 -43.49 27.95
N GLY A 105 4.71 -43.34 29.04
CA GLY A 105 5.68 -42.27 29.12
C GLY A 105 6.61 -42.17 27.93
N ALA A 106 6.83 -43.27 27.21
CA ALA A 106 7.66 -43.19 26.01
C ALA A 106 6.87 -42.58 24.86
N LYS A 107 5.59 -42.91 24.75
CA LYS A 107 4.79 -42.25 23.72
C LYS A 107 4.65 -40.75 23.99
N GLU A 108 4.48 -40.36 25.26
CA GLU A 108 4.30 -38.94 25.55
C GLU A 108 5.59 -38.16 25.30
N ARG A 109 6.72 -38.68 25.74
CA ARG A 109 7.99 -38.00 25.45
C ARG A 109 8.23 -37.88 23.95
N GLU A 110 7.74 -38.81 23.15
CA GLU A 110 8.01 -38.68 21.72
C GLU A 110 7.05 -37.69 21.08
N ALA A 111 5.81 -37.60 21.57
CA ALA A 111 4.86 -36.63 21.03
C ALA A 111 5.29 -35.21 21.35
N LEU A 112 5.77 -34.98 22.58
CA LEU A 112 6.33 -33.69 22.94
C LEU A 112 7.59 -33.40 22.13
N ARG A 113 8.44 -34.41 21.94
CA ARG A 113 9.63 -34.20 21.11
C ARG A 113 9.23 -33.71 19.72
N ARG A 114 8.15 -34.27 19.17
CA ARG A 114 7.60 -33.75 17.93
C ARG A 114 7.14 -32.31 18.10
N SER A 115 6.50 -32.00 19.23
CA SER A 115 5.92 -30.67 19.41
C SER A 115 7.00 -29.59 19.48
N ASN A 116 8.05 -29.82 20.26
CA ASN A 116 9.15 -28.86 20.29
C ASN A 116 9.74 -28.64 18.91
N GLU A 117 9.78 -29.70 18.08
CA GLU A 117 10.42 -29.56 16.79
C GLU A 117 9.64 -28.62 15.87
N GLU A 118 8.31 -28.66 15.93
CA GLU A 118 7.54 -27.72 15.12
C GLU A 118 7.56 -26.32 15.74
N LEU A 119 7.66 -26.23 17.07
CA LEU A 119 7.77 -24.94 17.72
C LEU A 119 9.08 -24.25 17.38
N ARG A 120 10.20 -24.97 17.49
CA ARG A 120 11.48 -24.39 17.09
C ARG A 120 11.47 -24.02 15.63
N SER A 121 10.64 -24.69 14.84
CA SER A 121 10.47 -24.31 13.44
C SER A 121 9.63 -23.05 13.33
N ALA A 122 8.62 -22.89 14.20
CA ALA A 122 7.83 -21.66 14.21
C ALA A 122 8.70 -20.46 14.58
N VAL A 123 9.63 -20.63 15.52
CA VAL A 123 10.49 -19.51 15.87
C VAL A 123 11.48 -19.24 14.74
N LYS A 124 11.90 -20.28 14.02
CA LYS A 124 12.79 -20.10 12.87
C LYS A 124 12.15 -19.18 11.82
N LYS A 125 10.86 -19.34 11.55
CA LYS A 125 10.17 -18.52 10.56
C LYS A 125 9.77 -17.16 11.12
N ALA A 126 9.57 -17.07 12.43
CA ALA A 126 9.10 -15.83 13.03
C ALA A 126 10.17 -14.77 13.00
N GLU A 127 11.43 -15.17 13.21
CA GLU A 127 12.55 -14.24 13.09
C GLU A 127 12.87 -13.93 11.63
N SER A 128 12.56 -14.84 10.70
CA SER A 128 12.71 -14.50 9.29
C SER A 128 11.72 -13.41 8.89
N GLU A 129 10.49 -13.47 9.42
CA GLU A 129 9.52 -12.42 9.15
C GLU A 129 9.92 -11.11 9.82
N ARG A 130 10.57 -11.18 10.98
CA ARG A 130 10.92 -9.95 11.68
C ARG A 130 12.05 -9.20 10.98
N ILE A 131 12.89 -9.93 10.22
CA ILE A 131 13.99 -9.29 9.50
C ILE A 131 13.47 -8.57 8.26
N SER A 132 12.55 -9.20 7.53
CA SER A 132 11.97 -8.61 6.32
C SER A 132 11.02 -7.46 6.65
N LEU A 133 10.54 -7.37 7.89
CA LEU A 133 9.56 -6.37 8.28
C LEU A 133 10.17 -5.25 9.11
N LYS A 134 11.38 -5.45 9.66
CA LYS A 134 12.16 -4.35 10.20
C LYS A 134 12.96 -3.65 9.10
N LEU A 135 13.40 -4.42 8.10
CA LEU A 135 14.04 -3.83 6.93
C LEU A 135 13.11 -2.86 6.21
N ALA A 136 11.80 -2.97 6.45
CA ALA A 136 10.82 -2.13 5.80
C ALA A 136 10.59 -0.83 6.57
N ASN A 137 10.60 -0.88 7.91
CA ASN A 137 10.51 0.34 8.74
C ASN A 137 11.71 1.26 8.54
N GLU A 138 12.93 0.71 8.58
CA GLU A 138 14.12 1.51 8.37
C GLU A 138 14.12 2.16 7.00
N ASP A 139 13.51 1.50 6.01
CA ASP A 139 13.36 2.10 4.69
C ASP A 139 12.28 3.18 4.69
N LYS A 140 11.16 2.93 5.37
CA LYS A 140 10.11 3.95 5.48
C LYS A 140 10.59 5.16 6.25
N GLU A 141 11.44 4.97 7.26
CA GLU A 141 11.99 6.11 7.99
C GLU A 141 13.02 6.85 7.15
N GLN A 142 13.78 6.12 6.34
CA GLN A 142 14.70 6.76 5.40
C GLN A 142 13.94 7.59 4.37
N LYS A 143 12.81 7.08 3.88
CA LYS A 143 12.03 7.80 2.88
C LYS A 143 11.48 9.09 3.46
N LEU A 144 10.64 8.97 4.49
CA LEU A 144 10.04 10.14 5.10
C LEU A 144 11.06 11.10 5.72
N ALA A 145 12.32 10.68 5.86
CA ALA A 145 13.36 11.64 6.25
C ALA A 145 13.67 12.57 5.09
N LEU A 146 13.95 12.01 3.90
CA LEU A 146 14.32 12.86 2.77
C LEU A 146 13.11 13.55 2.17
N LEU A 147 11.92 12.99 2.35
CA LEU A 147 10.70 13.66 1.90
C LEU A 147 10.44 14.93 2.71
N GLU A 148 10.77 14.92 4.00
CA GLU A 148 10.69 16.15 4.78
C GLU A 148 11.75 17.14 4.33
N GLU A 149 12.96 16.64 4.02
CA GLU A 149 13.98 17.51 3.46
C GLU A 149 13.52 18.15 2.17
N ALA A 150 12.77 17.41 1.35
CA ALA A 150 12.29 17.93 0.08
C ALA A 150 11.28 19.05 0.29
N ARG A 151 10.32 18.84 1.17
CA ARG A 151 9.27 19.84 1.35
C ARG A 151 9.77 21.09 2.06
N THR A 152 10.78 20.95 2.93
CA THR A 152 11.34 22.16 3.53
C THR A 152 12.15 22.93 2.51
N ALA A 153 12.80 22.23 1.58
CA ALA A 153 13.47 22.93 0.50
C ALA A 153 12.48 23.62 -0.44
N VAL A 154 11.41 22.93 -0.81
CA VAL A 154 10.40 23.54 -1.67
C VAL A 154 9.66 24.65 -0.93
N GLY A 155 9.56 24.57 0.39
CA GLY A 155 8.94 25.64 1.15
C GLY A 155 9.80 26.90 1.18
N LYS A 156 11.12 26.74 1.11
CA LYS A 156 12.00 27.89 0.97
C LYS A 156 11.84 28.55 -0.39
N GLU A 157 11.70 27.75 -1.44
CA GLU A 157 11.55 28.31 -2.79
C GLU A 157 10.25 29.08 -2.94
N ALA A 158 9.14 28.51 -2.46
CA ALA A 158 7.87 29.23 -2.48
C ALA A 158 8.00 30.58 -1.78
N GLY A 159 8.58 30.60 -0.58
CA GLY A 159 8.75 31.85 0.13
C GLY A 159 9.54 32.88 -0.65
N GLU A 160 10.57 32.43 -1.37
CA GLU A 160 11.29 33.35 -2.24
C GLU A 160 10.43 33.77 -3.42
N LEU A 161 9.87 32.80 -4.15
CA LEU A 161 9.04 33.13 -5.30
C LEU A 161 7.89 34.04 -4.95
N ARG A 162 7.46 34.03 -3.70
CA ARG A 162 6.23 34.70 -3.29
C ARG A 162 6.51 36.10 -2.79
N THR A 163 7.63 36.28 -2.08
CA THR A 163 8.16 37.63 -1.88
C THR A 163 8.65 38.22 -3.19
N GLY A 164 9.14 37.39 -4.11
CA GLY A 164 9.58 37.90 -5.40
C GLY A 164 8.43 38.42 -6.26
N LEU A 165 7.33 37.69 -6.29
CA LEU A 165 6.15 38.12 -7.05
C LEU A 165 5.57 39.42 -6.48
N GLN A 166 5.72 39.67 -5.18
CA GLN A 166 5.04 40.80 -4.57
C GLN A 166 5.73 42.12 -4.95
N GLU A 167 7.03 42.09 -5.16
CA GLU A 167 7.76 43.29 -5.57
C GLU A 167 7.69 43.50 -7.08
N VAL A 168 7.68 42.43 -7.88
CA VAL A 168 7.51 42.61 -9.32
C VAL A 168 6.11 43.13 -9.63
N GLU A 169 5.19 43.02 -8.65
CA GLU A 169 3.88 43.68 -8.73
C GLU A 169 3.97 45.16 -8.37
N ARG A 170 4.78 45.50 -7.36
CA ARG A 170 4.98 46.92 -7.04
C ARG A 170 5.60 47.66 -8.22
N SER A 171 6.54 47.03 -8.91
CA SER A 171 7.10 47.65 -10.11
C SER A 171 6.20 47.46 -11.32
N ARG A 172 5.18 46.63 -11.22
CA ARG A 172 4.22 46.57 -12.31
C ARG A 172 3.19 47.68 -12.18
N LEU A 173 2.73 47.97 -10.96
CA LEU A 173 1.72 49.00 -10.77
C LEU A 173 2.34 50.38 -10.90
N GLU A 174 3.53 50.59 -10.33
CA GLU A 174 4.25 51.85 -10.54
C GLU A 174 4.46 52.12 -12.04
N ALA A 175 4.82 51.09 -12.81
CA ALA A 175 4.99 51.29 -14.25
C ALA A 175 3.68 51.65 -14.93
N ARG A 176 2.57 51.02 -14.53
CA ARG A 176 1.29 51.30 -15.17
C ARG A 176 0.74 52.65 -14.72
N ARG A 177 1.11 53.10 -13.53
CA ARG A 177 0.62 54.38 -13.02
C ARG A 177 1.44 55.54 -13.59
N GLU A 178 2.71 55.30 -13.93
CA GLU A 178 3.50 56.34 -14.57
C GLU A 178 3.04 56.58 -16.00
N LEU A 179 2.74 55.49 -16.70
CA LEU A 179 2.20 55.56 -18.06
C LEU A 179 0.85 56.26 -18.14
N GLN A 180 0.06 56.23 -17.05
CA GLN A 180 -1.25 56.88 -17.07
C GLN A 180 -1.11 58.37 -16.86
N GLU A 181 -0.22 58.78 -15.97
CA GLU A 181 -0.03 60.19 -15.72
C GLU A 181 0.76 60.84 -16.86
N LEU A 182 1.56 60.05 -17.56
CA LEU A 182 2.26 60.54 -18.73
C LEU A 182 1.37 60.53 -19.96
N ARG A 183 0.32 59.72 -20.00
CA ARG A 183 -0.70 59.98 -21.01
C ARG A 183 -1.47 61.24 -20.71
N ARG A 184 -1.58 61.61 -19.43
CA ARG A 184 -2.22 62.87 -19.08
C ARG A 184 -1.39 64.07 -19.53
N GLN A 185 -0.07 63.96 -19.53
CA GLN A 185 0.76 65.06 -19.99
C GLN A 185 0.74 65.22 -21.51
N MSE A 186 0.29 64.19 -22.22
CA MSE A 186 0.12 64.23 -23.66
C MSE A 186 -1.11 65.03 -24.07
O MSE A 186 -1.06 65.80 -25.02
CB MSE A 186 0.01 62.81 -24.21
CG MSE A 186 -0.36 62.79 -25.68
SE MSE A 186 1.00 63.68 -26.75
CE MSE A 186 0.19 63.40 -28.50
N LYS A 187 -2.20 64.84 -23.34
CA LYS A 187 -3.39 65.66 -23.58
C LYS A 187 -3.12 67.14 -23.35
N MSE A 188 -2.06 67.50 -22.65
CA MSE A 188 -1.80 68.91 -22.43
C MSE A 188 -0.90 69.41 -23.54
O MSE A 188 -0.99 70.58 -23.97
CB MSE A 188 -1.17 69.16 -21.06
CG MSE A 188 -2.06 68.74 -19.89
SE MSE A 188 -1.33 69.17 -18.10
CE MSE A 188 0.12 67.89 -17.99
N LEU A 189 0.00 68.55 -24.03
CA LEU A 189 0.75 68.91 -25.22
C LEU A 189 -0.14 68.94 -26.46
N ASP A 190 -1.07 67.98 -26.57
CA ASP A 190 -2.01 67.97 -27.69
C ASP A 190 -2.98 69.15 -27.62
N SER A 191 -3.33 69.61 -26.43
CA SER A 191 -4.19 70.80 -26.34
C SER A 191 -3.43 72.04 -26.77
N GLU A 192 -2.21 72.20 -26.23
CA GLU A 192 -1.35 73.32 -26.58
C GLU A 192 -0.93 73.28 -28.04
N ASN A 193 -0.89 72.09 -28.64
CA ASN A 193 -0.72 71.97 -30.08
C ASN A 193 -1.85 72.67 -30.83
N THR A 194 -3.10 72.21 -30.61
CA THR A 194 -4.23 72.84 -31.26
C THR A 194 -4.38 74.30 -30.89
N ARG A 195 -4.03 74.69 -29.66
CA ARG A 195 -4.19 76.08 -29.30
C ARG A 195 -3.22 76.96 -30.07
N LEU A 196 -1.99 76.47 -30.30
CA LEU A 196 -1.07 77.28 -31.09
C LEU A 196 -1.59 77.46 -32.52
N GLY A 197 -2.24 76.44 -33.08
CA GLY A 197 -2.77 76.57 -34.43
C GLY A 197 -3.90 77.59 -34.52
N ARG A 198 -4.77 77.62 -33.51
CA ARG A 198 -5.85 78.60 -33.53
C ARG A 198 -5.30 80.01 -33.37
N GLU A 199 -4.28 80.18 -32.52
CA GLU A 199 -3.65 81.48 -32.40
C GLU A 199 -3.01 81.91 -33.72
N LEU A 200 -2.41 80.95 -34.46
CA LEU A 200 -1.70 81.28 -35.68
C LEU A 200 -2.64 81.56 -36.85
N ALA A 201 -3.62 80.68 -37.07
CA ALA A 201 -4.59 80.88 -38.13
C ALA A 201 -5.38 82.16 -37.93
N GLU A 202 -5.75 82.46 -36.68
CA GLU A 202 -6.48 83.69 -36.42
C GLU A 202 -5.63 84.90 -36.74
N LEU A 203 -4.33 84.83 -36.47
CA LEU A 203 -3.47 85.97 -36.82
C LEU A 203 -3.32 86.09 -38.33
N GLN A 204 -3.15 84.95 -39.03
CA GLN A 204 -3.07 84.97 -40.48
C GLN A 204 -4.36 85.51 -41.09
N GLY A 205 -5.51 85.01 -40.61
CA GLY A 205 -6.79 85.46 -41.13
C GLY A 205 -7.05 86.94 -40.88
N ARG A 206 -6.38 87.51 -39.90
CA ARG A 206 -6.43 88.95 -39.65
C ARG A 206 -5.52 89.70 -40.61
N LEU A 207 -4.25 89.30 -40.68
CA LEU A 207 -3.28 89.89 -41.61
C LEU A 207 -3.68 89.77 -43.09
N ALA A 208 -4.74 89.04 -43.40
CA ALA A 208 -5.16 88.93 -44.78
C ALA A 208 -6.41 89.76 -45.03
N LEU A 209 -6.73 90.67 -44.12
CA LEU A 209 -7.84 91.61 -44.24
C LEU A 209 -7.37 93.03 -44.37
N GLY A 210 -6.60 93.54 -43.41
CA GLY A 210 -6.03 94.88 -43.47
C GLY A 210 -4.64 94.79 -44.07
N GLU B 4 2.03 -178.55 89.79
CA GLU B 4 1.10 -177.64 90.45
C GLU B 4 1.79 -176.33 90.78
N SER B 5 2.76 -176.36 91.71
CA SER B 5 3.49 -175.15 92.08
C SER B 5 4.45 -174.70 90.99
N THR B 6 4.81 -175.58 90.07
CA THR B 6 5.62 -175.20 88.92
C THR B 6 4.77 -174.56 87.83
N VAL B 7 3.58 -175.11 87.57
CA VAL B 7 2.81 -174.62 86.43
C VAL B 7 2.11 -173.31 86.78
N ASN B 8 1.63 -173.18 88.02
CA ASN B 8 0.92 -171.95 88.39
C ASN B 8 1.87 -170.75 88.50
N ALA B 9 3.08 -170.97 89.04
CA ALA B 9 4.05 -169.89 89.18
C ALA B 9 4.49 -169.35 87.83
N LEU B 10 4.55 -170.21 86.82
CA LEU B 10 4.92 -169.77 85.48
C LEU B 10 3.73 -169.10 84.78
N THR B 11 2.53 -169.65 84.91
CA THR B 11 1.35 -169.03 84.31
C THR B 11 1.09 -167.63 84.86
N SER B 12 1.45 -167.39 86.12
CA SER B 12 1.34 -166.04 86.68
C SER B 12 2.21 -165.05 85.92
N GLU B 13 3.42 -165.48 85.53
CA GLU B 13 4.30 -164.60 84.77
C GLU B 13 3.88 -164.49 83.32
N LEU B 14 3.28 -165.56 82.76
CA LEU B 14 2.79 -165.52 81.39
C LEU B 14 1.60 -164.57 81.26
N ARG B 15 0.75 -164.51 82.27
CA ARG B 15 -0.29 -163.49 82.24
C ARG B 15 0.31 -162.12 82.50
N ASP B 16 1.40 -162.07 83.29
CA ASP B 16 2.05 -160.81 83.63
C ASP B 16 2.68 -160.17 82.40
N LEU B 17 3.35 -160.96 81.56
CA LEU B 17 3.97 -160.39 80.38
C LEU B 17 2.94 -160.04 79.31
N ARG B 18 1.93 -160.89 79.11
CA ARG B 18 0.86 -160.55 78.17
C ARG B 18 0.18 -159.23 78.53
N ALA B 19 0.10 -158.91 79.82
CA ALA B 19 -0.44 -157.63 80.25
C ALA B 19 0.55 -156.51 80.03
N GLN B 20 1.82 -156.72 80.40
CA GLN B 20 2.84 -155.70 80.18
C GLN B 20 2.95 -155.33 78.71
N ARG B 21 2.94 -156.34 77.83
CA ARG B 21 2.97 -156.07 76.40
C ARG B 21 1.74 -155.32 75.94
N GLU B 22 0.60 -155.55 76.60
CA GLU B 22 -0.59 -154.75 76.32
C GLU B 22 -0.37 -153.29 76.63
N GLU B 23 0.25 -152.98 77.78
CA GLU B 23 0.53 -151.60 78.15
C GLU B 23 1.65 -151.01 77.28
N ALA B 24 2.66 -151.80 76.93
CA ALA B 24 3.75 -151.28 76.11
C ALA B 24 3.26 -150.85 74.74
N ALA B 25 2.45 -151.70 74.09
CA ALA B 25 1.86 -151.34 72.80
C ALA B 25 0.89 -150.19 72.94
N ALA B 26 0.32 -150.00 74.12
CA ALA B 26 -0.49 -148.81 74.36
C ALA B 26 0.38 -147.55 74.36
N ALA B 27 1.44 -147.55 75.18
CA ALA B 27 2.31 -146.38 75.30
C ALA B 27 2.86 -145.95 73.94
N HIS B 28 3.36 -146.90 73.15
CA HIS B 28 3.96 -146.55 71.86
C HIS B 28 2.90 -146.19 70.83
N ALA B 29 1.72 -146.81 70.89
CA ALA B 29 0.65 -146.35 70.02
C ALA B 29 0.26 -144.91 70.32
N GLN B 30 0.53 -144.44 71.55
CA GLN B 30 0.24 -143.07 71.97
C GLN B 30 1.32 -142.09 71.57
N GLU B 31 2.60 -142.43 71.78
CA GLU B 31 3.65 -141.48 71.42
C GLU B 31 3.72 -141.24 69.92
N VAL B 32 3.68 -142.31 69.12
CA VAL B 32 3.78 -142.12 67.68
C VAL B 32 2.68 -141.21 67.18
N ARG B 33 1.49 -141.28 67.78
CA ARG B 33 0.43 -140.36 67.39
C ARG B 33 0.76 -138.93 67.83
N ARG B 34 1.23 -138.74 69.06
CA ARG B 34 1.63 -137.40 69.53
C ARG B 34 2.80 -136.86 68.71
N LEU B 35 3.85 -137.66 68.55
CA LEU B 35 5.03 -137.21 67.82
C LEU B 35 4.67 -136.89 66.37
N GLN B 36 3.79 -137.69 65.77
CA GLN B 36 3.31 -137.36 64.44
C GLN B 36 2.51 -136.07 64.45
N GLU B 37 1.80 -135.79 65.54
CA GLU B 37 1.06 -134.54 65.62
C GLU B 37 2.00 -133.35 65.84
N GLN B 38 3.15 -133.59 66.46
CA GLN B 38 4.15 -132.54 66.63
C GLN B 38 4.80 -132.17 65.31
N ALA B 39 5.05 -133.14 64.45
CA ALA B 39 5.64 -132.82 63.15
C ALA B 39 4.63 -132.12 62.25
N ARG B 40 3.33 -132.31 62.51
CA ARG B 40 2.31 -131.60 61.78
C ARG B 40 2.29 -130.11 62.16
N ASP B 41 2.23 -129.82 63.45
CA ASP B 41 2.31 -128.43 63.91
C ASP B 41 3.59 -127.76 63.41
N LEU B 42 4.71 -128.48 63.48
CA LEU B 42 5.97 -127.91 63.01
C LEU B 42 6.06 -127.91 61.50
N GLY B 43 5.29 -128.76 60.82
CA GLY B 43 5.28 -128.72 59.37
C GLY B 43 4.50 -127.53 58.84
N LYS B 44 3.39 -127.18 59.52
CA LYS B 44 2.55 -126.09 59.04
C LYS B 44 3.12 -124.72 59.40
N GLN B 45 3.72 -124.60 60.60
CA GLN B 45 4.39 -123.35 60.97
C GLN B 45 5.57 -123.07 60.07
N ARG B 46 6.38 -124.09 59.77
CA ARG B 46 7.46 -123.89 58.82
C ARG B 46 6.92 -123.40 57.47
N ASP B 47 5.80 -123.96 57.02
CA ASP B 47 5.26 -123.54 55.73
C ASP B 47 4.60 -122.17 55.81
N SER B 48 4.08 -121.82 57.00
CA SER B 48 3.55 -120.47 57.23
C SER B 48 4.65 -119.42 57.20
N CYS B 49 5.86 -119.80 57.62
CA CYS B 49 6.95 -118.84 57.67
C CYS B 49 7.55 -118.60 56.30
N MSE B 50 7.47 -119.57 55.39
CA MSE B 50 8.00 -119.43 54.03
C MSE B 50 7.07 -118.58 53.19
O MSE B 50 7.48 -117.94 52.20
CB MSE B 50 8.19 -120.80 53.37
CG MSE B 50 9.22 -121.69 54.05
SE MSE B 50 11.02 -120.94 53.93
CE MSE B 50 12.01 -122.34 54.85
N ARG B 51 5.80 -118.61 53.57
CA ARG B 51 4.83 -117.68 53.00
C ARG B 51 5.22 -116.25 53.36
N GLU B 52 5.32 -115.95 54.65
CA GLU B 52 5.72 -114.62 55.08
C GLU B 52 7.15 -114.27 54.67
N ALA B 53 8.03 -115.27 54.49
CA ALA B 53 9.40 -114.96 54.10
C ALA B 53 9.44 -114.25 52.74
N GLU B 54 8.63 -114.70 51.78
CA GLU B 54 8.53 -113.98 50.53
C GLU B 54 7.69 -112.72 50.69
N GLU B 55 6.63 -112.80 51.50
CA GLU B 55 5.65 -111.72 51.53
C GLU B 55 6.34 -110.45 52.00
N LEU B 56 7.19 -110.57 53.02
CA LEU B 56 7.92 -109.42 53.54
C LEU B 56 9.05 -109.01 52.59
N ARG B 57 9.72 -109.98 51.95
CA ARG B 57 10.74 -109.62 50.97
C ARG B 57 10.20 -108.83 49.81
N THR B 58 8.94 -109.03 49.43
CA THR B 58 8.42 -108.22 48.33
C THR B 58 7.96 -106.84 48.85
N GLN B 59 7.26 -106.79 50.00
CA GLN B 59 6.89 -105.52 50.62
C GLN B 59 8.10 -104.65 50.92
N LEU B 60 9.27 -105.26 51.09
CA LEU B 60 10.50 -104.48 51.25
C LEU B 60 10.87 -103.78 49.96
N ARG B 61 11.00 -104.56 48.89
CA ARG B 61 11.42 -104.02 47.60
C ARG B 61 10.58 -102.83 47.19
N LEU B 62 9.27 -102.82 47.52
CA LEU B 62 8.43 -101.71 47.09
C LEU B 62 8.79 -100.44 47.86
N MSE B 63 8.92 -100.56 49.17
CA MSE B 63 9.50 -99.53 50.03
C MSE B 63 10.84 -99.04 49.54
O MSE B 63 11.07 -97.83 49.41
CB MSE B 63 9.67 -100.07 51.44
CG MSE B 63 8.37 -100.21 52.21
SE MSE B 63 7.78 -98.45 52.81
CE MSE B 63 6.07 -98.95 53.62
N GLU B 64 11.75 -99.98 49.27
CA GLU B 64 13.07 -99.60 48.77
C GLU B 64 12.93 -98.81 47.46
N ASP B 65 11.96 -99.19 46.62
CA ASP B 65 11.64 -98.40 45.44
C ASP B 65 10.88 -97.15 45.82
N ALA B 66 9.90 -97.27 46.73
CA ALA B 66 9.18 -96.10 47.21
C ALA B 66 10.13 -95.06 47.79
N ARG B 67 11.11 -95.51 48.57
CA ARG B 67 12.19 -94.65 49.02
C ARG B 67 12.89 -93.97 47.85
N ASP B 68 13.32 -94.76 46.86
CA ASP B 68 14.15 -94.21 45.79
C ASP B 68 13.38 -93.23 44.91
N GLY B 69 12.09 -93.48 44.68
CA GLY B 69 11.27 -92.51 43.96
C GLY B 69 11.19 -91.20 44.70
N LEU B 70 11.17 -91.26 46.02
CA LEU B 70 11.19 -90.04 46.80
C LEU B 70 12.53 -89.31 46.74
N ARG B 71 13.65 -90.05 46.73
CA ARG B 71 14.94 -89.39 46.69
C ARG B 71 15.16 -88.71 45.36
N ARG B 72 14.60 -89.28 44.29
CA ARG B 72 14.63 -88.58 43.02
C ARG B 72 13.75 -87.35 43.04
N GLU B 73 12.59 -87.44 43.71
CA GLU B 73 11.59 -86.38 43.60
C GLU B 73 11.97 -85.15 44.44
N LEU B 74 12.53 -85.39 45.63
CA LEU B 74 13.11 -84.33 46.41
C LEU B 74 14.18 -83.58 45.63
N LEU B 75 15.11 -84.32 45.02
CA LEU B 75 16.24 -83.66 44.41
C LEU B 75 15.79 -82.85 43.21
N GLU B 76 14.65 -83.21 42.62
CA GLU B 76 14.10 -82.40 41.55
C GLU B 76 13.38 -81.17 42.11
N ALA B 77 12.69 -81.30 43.23
CA ALA B 77 12.04 -80.14 43.83
C ALA B 77 13.07 -79.12 44.32
N GLN B 78 14.13 -79.59 44.96
CA GLN B 78 15.26 -78.71 45.27
C GLN B 78 15.71 -77.95 44.02
N ARG B 79 15.81 -78.66 42.90
CA ARG B 79 16.21 -78.07 41.64
C ARG B 79 15.21 -77.00 41.20
N LYS B 80 13.92 -77.31 41.22
CA LYS B 80 12.93 -76.32 40.78
C LYS B 80 12.94 -75.09 41.67
N LEU B 81 13.16 -75.26 42.98
CA LEU B 81 13.24 -74.13 43.89
C LEU B 81 14.50 -73.29 43.66
N ARG B 82 15.59 -73.92 43.23
CA ARG B 82 16.77 -73.11 42.99
C ARG B 82 16.66 -72.41 41.65
N GLU B 83 15.81 -72.91 40.75
CA GLU B 83 15.54 -72.21 39.50
C GLU B 83 14.58 -71.04 39.72
N SER B 84 13.67 -71.13 40.69
CA SER B 84 12.72 -70.02 40.82
C SER B 84 13.31 -68.87 41.62
N GLN B 85 14.06 -69.16 42.69
CA GLN B 85 14.76 -68.09 43.39
C GLN B 85 15.78 -67.40 42.50
N GLU B 86 16.62 -68.19 41.82
CA GLU B 86 17.53 -67.61 40.84
C GLU B 86 16.74 -66.83 39.79
N GLY B 87 15.60 -67.38 39.36
CA GLY B 87 14.72 -66.64 38.47
C GLY B 87 14.13 -65.37 39.06
N ARG B 88 13.99 -65.32 40.37
CA ARG B 88 13.48 -64.15 41.05
C ARG B 88 14.55 -63.07 41.21
N GLU B 89 15.80 -63.45 41.52
CA GLU B 89 16.88 -62.46 41.61
C GLU B 89 17.04 -61.67 40.33
N VAL B 90 16.83 -62.31 39.17
CA VAL B 90 16.87 -61.52 37.96
C VAL B 90 15.63 -60.63 37.89
N GLN B 91 14.47 -61.15 38.31
CA GLN B 91 13.30 -60.29 38.33
C GLN B 91 13.50 -59.04 39.18
N ARG B 92 14.22 -59.14 40.31
CA ARG B 92 14.52 -57.97 41.11
C ARG B 92 15.47 -57.03 40.39
N GLN B 93 16.48 -57.58 39.69
CA GLN B 93 17.39 -56.75 38.90
C GLN B 93 16.63 -55.99 37.82
N GLU B 94 15.95 -56.73 36.94
CA GLU B 94 15.04 -56.15 35.96
C GLU B 94 14.20 -55.03 36.53
N ALA B 95 13.66 -55.20 37.74
CA ALA B 95 12.81 -54.16 38.31
C ALA B 95 13.62 -52.91 38.60
N GLY B 96 14.79 -53.06 39.24
CA GLY B 96 15.64 -51.92 39.47
C GLY B 96 16.04 -51.22 38.19
N GLU B 97 16.19 -52.00 37.11
CA GLU B 97 16.53 -51.40 35.84
C GLU B 97 15.35 -50.68 35.21
N LEU B 98 14.14 -51.21 35.39
CA LEU B 98 12.97 -50.51 34.89
C LEU B 98 12.73 -49.21 35.63
N ARG B 99 12.88 -49.21 36.95
CA ARG B 99 12.65 -47.97 37.69
C ARG B 99 13.75 -46.95 37.43
N ARG B 100 14.95 -47.42 37.10
CA ARG B 100 16.04 -46.50 36.74
C ARG B 100 15.70 -45.74 35.46
N SER B 101 15.24 -46.45 34.44
CA SER B 101 14.87 -45.81 33.19
C SER B 101 13.56 -45.06 33.31
N LEU B 102 12.70 -45.46 34.25
CA LEU B 102 11.42 -44.78 34.42
C LEU B 102 11.63 -43.41 35.03
N GLY B 103 12.57 -43.30 35.98
CA GLY B 103 12.87 -42.02 36.59
C GLY B 103 13.66 -41.11 35.67
N GLU B 104 14.60 -41.68 34.90
CA GLU B 104 15.26 -40.84 33.91
C GLU B 104 14.32 -40.50 32.77
N GLY B 105 13.29 -41.32 32.55
CA GLY B 105 12.27 -40.95 31.58
C GLY B 105 11.38 -39.83 32.07
N ALA B 106 11.14 -39.74 33.38
CA ALA B 106 10.41 -38.59 33.90
C ALA B 106 11.34 -37.40 34.15
N LYS B 107 12.65 -37.60 34.02
CA LYS B 107 13.60 -36.49 34.05
C LYS B 107 13.84 -35.92 32.65
N GLU B 108 13.62 -36.73 31.62
CA GLU B 108 13.55 -36.20 30.25
C GLU B 108 12.17 -35.63 29.97
N ARG B 109 11.13 -36.14 30.65
CA ARG B 109 9.79 -35.61 30.46
C ARG B 109 9.67 -34.21 31.05
N GLU B 110 10.50 -33.89 32.04
CA GLU B 110 10.46 -32.53 32.57
C GLU B 110 11.23 -31.56 31.67
N ALA B 111 12.46 -31.94 31.27
CA ALA B 111 13.24 -31.09 30.37
C ALA B 111 12.45 -30.70 29.14
N LEU B 112 11.72 -31.65 28.55
CA LEU B 112 10.97 -31.35 27.33
C LEU B 112 9.73 -30.50 27.60
N ARG B 113 8.94 -30.83 28.61
CA ARG B 113 7.80 -29.97 28.91
C ARG B 113 8.25 -28.58 29.36
N ARG B 114 9.50 -28.43 29.80
CA ARG B 114 9.97 -27.09 30.17
C ARG B 114 10.47 -26.34 28.94
N SER B 115 11.21 -27.01 28.06
CA SER B 115 11.58 -26.33 26.81
C SER B 115 10.36 -26.12 25.92
N ASN B 116 9.31 -26.91 26.11
CA ASN B 116 8.08 -26.73 25.36
C ASN B 116 7.42 -25.41 25.72
N GLU B 117 7.35 -25.10 27.02
CA GLU B 117 6.82 -23.79 27.37
C GLU B 117 7.79 -22.66 27.06
N GLU B 118 9.10 -22.92 27.03
CA GLU B 118 10.00 -21.87 26.59
C GLU B 118 9.76 -21.50 25.14
N LEU B 119 9.36 -22.45 24.30
CA LEU B 119 9.06 -22.16 22.90
C LEU B 119 7.76 -21.37 22.76
N ARG B 120 6.69 -21.85 23.37
CA ARG B 120 5.43 -21.12 23.37
C ARG B 120 5.58 -19.73 23.98
N SER B 121 6.39 -19.59 25.04
CA SER B 121 6.63 -18.26 25.57
C SER B 121 7.54 -17.43 24.67
N ALA B 122 8.24 -18.05 23.73
CA ALA B 122 8.98 -17.30 22.72
C ALA B 122 8.18 -17.08 21.45
N VAL B 123 7.10 -17.82 21.26
CA VAL B 123 6.23 -17.60 20.11
C VAL B 123 5.16 -16.56 20.43
N LYS B 124 4.80 -16.38 21.70
CA LYS B 124 3.89 -15.29 22.01
C LYS B 124 4.60 -13.92 21.97
N LYS B 125 5.92 -13.83 22.19
CA LYS B 125 6.55 -12.53 21.89
C LYS B 125 6.77 -12.36 20.40
N ALA B 126 7.02 -13.47 19.70
CA ALA B 126 7.32 -13.31 18.29
C ALA B 126 6.08 -12.83 17.55
N GLU B 127 4.91 -13.11 18.10
CA GLU B 127 3.67 -12.66 17.49
C GLU B 127 3.35 -11.21 17.88
N SER B 128 3.50 -10.85 19.16
CA SER B 128 3.27 -9.46 19.55
C SER B 128 4.30 -8.52 18.92
N GLU B 129 5.53 -8.97 18.72
CA GLU B 129 6.54 -8.18 18.02
C GLU B 129 6.22 -8.08 16.53
N ARG B 130 5.62 -9.12 15.95
CA ARG B 130 5.15 -9.00 14.57
C ARG B 130 4.03 -7.98 14.46
N ILE B 131 2.96 -8.17 15.23
CA ILE B 131 1.79 -7.30 15.16
C ILE B 131 2.15 -5.84 15.49
N SER B 132 3.20 -5.61 16.27
CA SER B 132 3.57 -4.23 16.57
C SER B 132 4.50 -3.63 15.52
N LEU B 133 5.37 -4.44 14.92
CA LEU B 133 6.16 -3.91 13.82
C LEU B 133 5.30 -3.65 12.58
N LYS B 134 4.24 -4.43 12.39
CA LYS B 134 3.37 -4.18 11.25
C LYS B 134 2.55 -2.92 11.51
N LEU B 135 2.11 -2.72 12.75
CA LEU B 135 1.29 -1.56 13.05
C LEU B 135 2.08 -0.27 12.87
N ALA B 136 3.34 -0.26 13.31
CA ALA B 136 4.20 0.90 13.12
C ALA B 136 4.50 1.13 11.64
N ASN B 137 4.72 0.05 10.89
CA ASN B 137 5.04 0.18 9.47
C ASN B 137 3.81 0.55 8.66
N GLU B 138 2.61 0.25 9.17
CA GLU B 138 1.40 0.69 8.50
C GLU B 138 1.16 2.18 8.74
N ASP B 139 1.47 2.66 9.93
CA ASP B 139 1.32 4.08 10.16
C ASP B 139 2.36 4.89 9.39
N LYS B 140 3.49 4.31 9.01
CA LYS B 140 4.45 5.15 8.32
C LYS B 140 4.09 5.38 6.86
N GLU B 141 3.37 4.43 6.26
CA GLU B 141 2.84 4.74 4.93
C GLU B 141 1.62 5.65 5.00
N GLN B 142 0.86 5.62 6.08
CA GLN B 142 -0.25 6.56 6.15
C GLN B 142 0.27 7.97 6.47
N LYS B 143 1.48 8.05 7.05
CA LYS B 143 2.17 9.33 7.08
C LYS B 143 2.75 9.70 5.72
N LEU B 144 3.03 8.71 4.86
CA LEU B 144 3.76 9.03 3.62
C LEU B 144 2.84 9.75 2.63
N ALA B 145 1.55 9.34 2.55
CA ALA B 145 0.61 10.05 1.70
C ALA B 145 0.40 11.46 2.18
N LEU B 146 0.39 11.65 3.51
CA LEU B 146 0.03 12.92 4.12
C LEU B 146 1.12 13.96 3.92
N LEU B 147 2.38 13.51 3.90
CA LEU B 147 3.56 14.26 3.55
C LEU B 147 3.75 14.38 2.05
N GLU B 148 3.19 13.44 1.29
CA GLU B 148 3.30 13.48 -0.16
C GLU B 148 2.36 14.50 -0.77
N GLU B 149 1.10 14.50 -0.33
CA GLU B 149 0.18 15.51 -0.82
C GLU B 149 0.66 16.91 -0.43
N ALA B 150 1.29 17.02 0.75
CA ALA B 150 1.83 18.30 1.22
C ALA B 150 2.88 18.85 0.25
N ARG B 151 3.73 17.98 -0.32
CA ARG B 151 4.66 18.43 -1.35
C ARG B 151 3.94 18.65 -2.67
N THR B 152 2.91 17.85 -2.96
CA THR B 152 2.16 18.04 -4.19
C THR B 152 1.38 19.34 -4.14
N ALA B 153 0.84 19.70 -2.97
CA ALA B 153 0.17 20.98 -2.80
C ALA B 153 1.14 22.15 -2.99
N VAL B 154 2.27 22.13 -2.28
CA VAL B 154 3.22 23.24 -2.40
C VAL B 154 3.93 23.18 -3.76
N GLY B 155 3.85 22.04 -4.45
CA GLY B 155 4.38 21.97 -5.80
C GLY B 155 3.47 22.63 -6.82
N LYS B 156 2.16 22.46 -6.65
CA LYS B 156 1.20 23.17 -7.49
C LYS B 156 1.26 24.67 -7.26
N GLU B 157 1.44 25.11 -6.01
CA GLU B 157 1.46 26.54 -5.72
C GLU B 157 2.60 27.23 -6.46
N ALA B 158 3.84 26.85 -6.17
CA ALA B 158 4.98 27.46 -6.86
C ALA B 158 4.96 27.14 -8.35
N GLY B 159 4.37 26.02 -8.74
CA GLY B 159 4.21 25.73 -10.16
C GLY B 159 3.32 26.74 -10.86
N GLU B 160 2.19 27.09 -10.23
CA GLU B 160 1.34 28.13 -10.78
C GLU B 160 1.85 29.52 -10.44
N LEU B 161 2.44 29.70 -9.25
CA LEU B 161 3.01 31.00 -8.88
C LEU B 161 4.13 31.40 -9.82
N ARG B 162 4.84 30.43 -10.41
CA ARG B 162 5.86 30.75 -11.41
C ARG B 162 5.23 31.20 -12.72
N THR B 163 4.08 30.61 -13.08
CA THR B 163 3.43 30.98 -14.32
C THR B 163 2.91 32.42 -14.26
N GLY B 164 2.27 32.78 -13.15
CA GLY B 164 1.93 34.18 -12.93
C GLY B 164 3.14 35.07 -12.91
N LEU B 165 4.26 34.60 -12.36
CA LEU B 165 5.49 35.37 -12.43
C LEU B 165 5.84 35.68 -13.88
N GLN B 166 5.53 34.77 -14.81
CA GLN B 166 5.84 34.98 -16.20
C GLN B 166 4.88 35.95 -16.86
N GLU B 167 3.61 35.92 -16.45
CA GLU B 167 2.66 36.85 -17.02
C GLU B 167 2.92 38.28 -16.54
N VAL B 168 3.36 38.44 -15.29
CA VAL B 168 3.65 39.78 -14.77
C VAL B 168 4.86 40.37 -15.49
N GLU B 169 5.87 39.55 -15.75
CA GLU B 169 6.97 40.04 -16.57
C GLU B 169 6.52 40.30 -17.99
N ARG B 170 5.50 39.57 -18.48
CA ARG B 170 4.88 39.96 -19.74
C ARG B 170 4.32 41.39 -19.66
N SER B 171 3.56 41.68 -18.60
CA SER B 171 2.86 42.95 -18.55
C SER B 171 3.82 44.13 -18.33
N ARG B 172 4.92 43.93 -17.60
CA ARG B 172 5.87 45.01 -17.37
C ARG B 172 6.71 45.27 -18.60
N LEU B 173 6.82 44.30 -19.49
CA LEU B 173 7.50 44.53 -20.76
C LEU B 173 6.62 45.33 -21.71
N GLU B 174 5.35 44.95 -21.89
CA GLU B 174 4.49 45.69 -22.81
C GLU B 174 4.27 47.11 -22.32
N ALA B 175 4.29 47.32 -20.99
CA ALA B 175 4.14 48.67 -20.46
C ALA B 175 5.39 49.51 -20.72
N ARG B 176 6.57 48.91 -20.53
CA ARG B 176 7.81 49.63 -20.80
C ARG B 176 7.91 50.02 -22.27
N ARG B 177 7.39 49.17 -23.16
CA ARG B 177 7.41 49.46 -24.59
C ARG B 177 6.48 50.62 -24.93
N GLU B 178 5.27 50.61 -24.38
CA GLU B 178 4.35 51.73 -24.60
C GLU B 178 4.91 53.03 -24.02
N LEU B 179 5.51 52.97 -22.83
CA LEU B 179 6.02 54.18 -22.19
C LEU B 179 7.14 54.80 -23.01
N GLN B 180 8.14 54.01 -23.40
CA GLN B 180 9.25 54.58 -24.14
C GLN B 180 8.82 55.02 -25.54
N GLU B 181 7.78 54.39 -26.08
CA GLU B 181 7.28 54.78 -27.40
C GLU B 181 6.55 56.13 -27.33
N LEU B 182 5.76 56.33 -26.28
CA LEU B 182 5.00 57.57 -26.18
C LEU B 182 5.90 58.73 -25.74
N ARG B 183 7.03 58.45 -25.09
CA ARG B 183 7.99 59.51 -24.85
C ARG B 183 8.61 59.97 -26.15
N ARG B 184 8.83 59.02 -27.07
CA ARG B 184 9.21 59.43 -28.42
C ARG B 184 8.15 60.35 -29.00
N GLN B 185 6.87 60.03 -28.84
CA GLN B 185 5.84 60.81 -29.50
C GLN B 185 5.69 62.19 -28.86
N MSE B 186 5.85 62.28 -27.54
CA MSE B 186 5.82 63.54 -26.81
C MSE B 186 7.01 64.41 -27.18
O MSE B 186 6.91 65.61 -27.24
CB MSE B 186 5.78 63.30 -25.30
CG MSE B 186 4.36 63.10 -24.76
SE MSE B 186 4.25 62.29 -22.99
CE MSE B 186 5.21 63.58 -21.87
N LYS B 187 8.14 63.78 -27.47
CA LYS B 187 9.33 64.56 -27.81
C LYS B 187 9.15 65.27 -29.14
N MSE B 188 8.51 64.63 -30.11
CA MSE B 188 8.29 65.25 -31.41
C MSE B 188 7.33 66.42 -31.27
O MSE B 188 7.64 67.56 -31.62
CB MSE B 188 7.69 64.26 -32.40
CG MSE B 188 8.60 63.11 -32.75
SE MSE B 188 7.80 61.87 -34.03
CE MSE B 188 6.49 61.01 -32.86
N LEU B 189 6.15 66.10 -30.75
CA LEU B 189 5.13 67.12 -30.52
C LEU B 189 5.69 68.27 -29.71
N ASP B 190 6.70 68.02 -28.88
CA ASP B 190 7.35 69.08 -28.13
C ASP B 190 8.20 69.95 -29.05
N SER B 191 8.84 69.34 -30.05
CA SER B 191 9.54 70.12 -31.07
C SER B 191 8.55 70.86 -31.97
N GLU B 192 7.39 70.26 -32.22
CA GLU B 192 6.36 70.90 -33.02
C GLU B 192 5.81 72.15 -32.30
N ASN B 193 5.63 72.07 -30.98
CA ASN B 193 5.14 73.22 -30.23
C ASN B 193 6.14 74.35 -30.22
N THR B 194 7.43 74.05 -30.10
CA THR B 194 8.41 75.13 -30.14
C THR B 194 8.58 75.68 -31.55
N ARG B 195 8.24 74.88 -32.55
CA ARG B 195 8.23 75.37 -33.92
C ARG B 195 7.11 76.39 -34.14
N LEU B 196 5.91 76.07 -33.66
CA LEU B 196 4.77 76.96 -33.80
C LEU B 196 5.05 78.31 -33.14
N GLY B 197 5.59 78.28 -31.92
CA GLY B 197 5.89 79.53 -31.24
C GLY B 197 7.02 80.30 -31.86
N ARG B 198 7.80 79.64 -32.72
CA ARG B 198 8.77 80.34 -33.56
C ARG B 198 8.07 81.04 -34.70
N GLU B 199 7.00 80.43 -35.24
CA GLU B 199 6.26 81.10 -36.30
C GLU B 199 5.47 82.30 -35.80
N LEU B 200 5.00 82.29 -34.56
CA LEU B 200 4.38 83.51 -34.04
C LEU B 200 5.42 84.58 -33.77
N ALA B 201 6.64 84.18 -33.43
CA ALA B 201 7.66 85.18 -33.13
C ALA B 201 8.15 85.88 -34.39
N GLU B 202 8.18 85.16 -35.51
CA GLU B 202 8.60 85.80 -36.74
C GLU B 202 7.50 86.69 -37.30
N LEU B 203 6.24 86.25 -37.26
CA LEU B 203 5.17 87.10 -37.76
C LEU B 203 4.99 88.35 -36.90
N GLN B 204 4.77 88.16 -35.60
CA GLN B 204 4.60 89.29 -34.69
C GLN B 204 5.83 90.20 -34.64
N GLY B 205 6.98 89.76 -35.17
CA GLY B 205 8.19 90.55 -35.12
C GLY B 205 8.56 91.28 -36.41
N ARG B 206 8.53 90.56 -37.53
CA ARG B 206 8.84 91.16 -38.83
C ARG B 206 7.66 91.93 -39.41
N LEU B 207 6.54 92.00 -38.69
CA LEU B 207 5.43 92.85 -39.13
C LEU B 207 5.80 94.33 -39.09
N ALA B 208 6.50 94.75 -38.04
CA ALA B 208 6.97 96.13 -37.90
C ALA B 208 8.11 96.48 -38.84
N LEU B 209 8.79 95.48 -39.43
CA LEU B 209 9.93 95.70 -40.30
C LEU B 209 9.59 95.65 -41.79
N GLY B 210 8.67 94.76 -42.18
CA GLY B 210 8.29 94.70 -43.59
C GLY B 210 7.54 95.93 -44.04
N GLU B 211 6.70 96.48 -43.16
CA GLU B 211 5.96 97.70 -43.46
C GLU B 211 5.89 98.61 -42.24
N GLU C 4 4.33 182.11 -90.73
CA GLU C 4 3.72 180.92 -90.13
C GLU C 4 4.52 179.65 -90.41
N SER C 5 5.78 179.66 -90.00
CA SER C 5 6.63 178.47 -90.13
C SER C 5 6.34 177.45 -89.04
N THR C 6 6.01 177.92 -87.84
CA THR C 6 5.69 177.00 -86.77
C THR C 6 4.38 176.26 -87.02
N VAL C 7 3.55 176.73 -87.96
CA VAL C 7 2.31 176.01 -88.28
C VAL C 7 2.64 174.66 -88.92
N ASN C 8 3.70 174.63 -89.72
CA ASN C 8 4.12 173.36 -90.29
C ASN C 8 4.87 172.52 -89.27
N ALA C 9 5.62 173.17 -88.37
CA ALA C 9 6.34 172.49 -87.29
C ALA C 9 5.42 171.82 -86.28
N LEU C 10 4.14 172.19 -86.24
CA LEU C 10 3.17 171.54 -85.37
C LEU C 10 2.18 170.69 -86.13
N THR C 11 2.01 170.89 -87.43
CA THR C 11 1.21 169.92 -88.16
C THR C 11 2.00 168.67 -88.52
N SER C 12 3.32 168.72 -88.42
CA SER C 12 4.11 167.49 -88.58
C SER C 12 4.15 166.71 -87.27
N GLU C 13 4.22 167.42 -86.14
CA GLU C 13 4.04 166.76 -84.85
C GLU C 13 2.67 166.12 -84.76
N LEU C 14 1.61 166.85 -85.14
CA LEU C 14 0.26 166.28 -85.12
C LEU C 14 0.18 164.98 -85.89
N ARG C 15 0.69 164.95 -87.11
CA ARG C 15 0.65 163.70 -87.87
C ARG C 15 1.47 162.62 -87.18
N ASP C 16 2.60 163.02 -86.58
CA ASP C 16 3.42 162.13 -85.80
C ASP C 16 2.67 161.64 -84.55
N LEU C 17 1.84 162.50 -83.95
CA LEU C 17 1.05 162.06 -82.81
C LEU C 17 -0.01 161.05 -83.23
N ARG C 18 -0.68 161.33 -84.36
CA ARG C 18 -1.74 160.46 -84.86
C ARG C 18 -1.23 159.09 -85.28
N ALA C 19 0.09 158.92 -85.42
CA ALA C 19 0.62 157.69 -85.97
C ALA C 19 1.10 156.79 -84.85
N GLN C 20 1.61 157.39 -83.79
CA GLN C 20 1.75 156.65 -82.54
C GLN C 20 0.43 156.41 -81.83
N ARG C 21 -0.66 157.08 -82.23
CA ARG C 21 -1.95 156.61 -81.76
C ARG C 21 -2.27 155.24 -82.38
N GLU C 22 -2.35 155.20 -83.73
CA GLU C 22 -2.79 154.00 -84.45
C GLU C 22 -1.90 152.81 -84.16
N GLU C 23 -0.63 153.07 -83.88
CA GLU C 23 0.29 152.02 -83.50
C GLU C 23 0.03 151.59 -82.06
N ALA C 24 -0.34 152.54 -81.18
CA ALA C 24 -0.68 152.18 -79.80
C ALA C 24 -1.89 151.26 -79.74
N ALA C 25 -2.98 151.61 -80.40
CA ALA C 25 -4.17 150.78 -80.34
C ALA C 25 -3.90 149.40 -80.92
N ALA C 26 -3.33 149.35 -82.12
CA ALA C 26 -3.00 148.06 -82.74
C ALA C 26 -2.21 147.18 -81.78
N ALA C 27 -1.34 147.77 -80.96
CA ALA C 27 -0.57 147.05 -79.97
C ALA C 27 -1.35 146.89 -78.66
N HIS C 28 -2.31 147.77 -78.39
CA HIS C 28 -3.16 147.51 -77.24
C HIS C 28 -3.94 146.19 -77.41
N ALA C 29 -4.63 146.01 -78.55
CA ALA C 29 -5.48 144.86 -78.77
C ALA C 29 -4.64 143.60 -78.93
N GLN C 30 -3.43 143.75 -79.46
CA GLN C 30 -2.49 142.64 -79.53
C GLN C 30 -2.23 142.07 -78.13
N GLU C 31 -1.89 142.92 -77.18
CA GLU C 31 -1.74 142.46 -75.81
C GLU C 31 -3.07 142.01 -75.21
N VAL C 32 -4.20 142.48 -75.75
CA VAL C 32 -5.46 141.99 -75.21
C VAL C 32 -5.76 140.59 -75.71
N ARG C 33 -5.52 140.30 -76.99
CA ARG C 33 -5.77 138.96 -77.51
C ARG C 33 -4.85 137.96 -76.84
N ARG C 34 -3.66 138.37 -76.46
CA ARG C 34 -2.76 137.44 -75.81
C ARG C 34 -3.30 137.08 -74.42
N LEU C 35 -3.64 138.09 -73.63
CA LEU C 35 -4.18 137.82 -72.31
C LEU C 35 -5.48 137.05 -72.42
N GLN C 36 -6.38 137.46 -73.32
CA GLN C 36 -7.61 136.70 -73.49
C GLN C 36 -7.33 135.24 -73.79
N GLU C 37 -6.40 134.98 -74.72
CA GLU C 37 -6.11 133.60 -75.09
C GLU C 37 -5.48 132.85 -73.93
N GLN C 38 -4.64 133.52 -73.14
CA GLN C 38 -4.03 132.85 -71.97
C GLN C 38 -5.09 132.37 -71.00
N ALA C 39 -5.92 133.29 -70.51
CA ALA C 39 -7.02 132.91 -69.63
C ALA C 39 -7.93 131.85 -70.26
N ARG C 40 -8.14 131.88 -71.57
CA ARG C 40 -8.99 130.88 -72.19
C ARG C 40 -8.43 129.48 -71.96
N ASP C 41 -7.12 129.34 -72.11
CA ASP C 41 -6.45 128.05 -72.02
C ASP C 41 -6.47 127.52 -70.58
N LEU C 42 -6.17 128.42 -69.63
CA LEU C 42 -6.17 128.08 -68.22
C LEU C 42 -7.49 127.42 -67.81
N GLY C 43 -8.62 128.03 -68.20
CA GLY C 43 -9.90 127.44 -67.83
C GLY C 43 -10.21 126.16 -68.57
N LYS C 44 -9.62 125.98 -69.75
CA LYS C 44 -9.78 124.73 -70.46
C LYS C 44 -9.08 123.60 -69.71
N GLN C 45 -7.85 123.87 -69.25
CA GLN C 45 -7.11 123.00 -68.35
C GLN C 45 -7.89 122.75 -67.05
N ARG C 46 -8.46 123.78 -66.45
CA ARG C 46 -9.33 123.58 -65.30
C ARG C 46 -10.43 122.56 -65.61
N ASP C 47 -11.15 122.75 -66.72
CA ASP C 47 -12.25 121.87 -67.07
C ASP C 47 -11.77 120.44 -67.28
N SER C 48 -10.73 120.26 -68.09
CA SER C 48 -10.22 118.91 -68.34
C SER C 48 -9.77 118.26 -67.04
N CYS C 49 -9.12 119.05 -66.17
CA CYS C 49 -8.71 118.60 -64.84
C CYS C 49 -9.90 118.37 -63.92
N MSE C 50 -11.01 119.05 -64.16
CA MSE C 50 -12.18 118.87 -63.34
C MSE C 50 -12.97 117.66 -63.84
O MSE C 50 -13.37 116.82 -63.05
CB MSE C 50 -13.00 120.13 -63.35
CG MSE C 50 -14.30 120.15 -62.59
SE MSE C 50 -14.90 122.00 -62.66
CE MSE C 50 -13.91 122.70 -61.13
N ARG C 51 -13.15 117.57 -65.17
CA ARG C 51 -13.74 116.37 -65.76
C ARG C 51 -12.96 115.12 -65.39
N GLU C 52 -11.65 115.22 -65.22
CA GLU C 52 -10.92 114.05 -64.77
C GLU C 52 -11.22 113.70 -63.32
N ALA C 53 -11.30 114.71 -62.44
CA ALA C 53 -11.73 114.49 -61.07
C ALA C 53 -13.02 113.68 -61.02
N GLU C 54 -14.08 114.17 -61.66
CA GLU C 54 -15.36 113.45 -61.61
C GLU C 54 -15.29 112.06 -62.24
N GLU C 55 -14.31 111.80 -63.10
CA GLU C 55 -14.10 110.46 -63.63
C GLU C 55 -13.32 109.56 -62.67
N LEU C 56 -12.46 110.14 -61.84
CA LEU C 56 -11.76 109.39 -60.82
C LEU C 56 -12.61 109.22 -59.56
N ARG C 57 -13.46 110.19 -59.21
CA ARG C 57 -14.38 109.92 -58.12
C ARG C 57 -15.26 108.70 -58.43
N THR C 58 -15.64 108.53 -59.70
CA THR C 58 -16.36 107.33 -60.15
C THR C 58 -15.51 106.07 -60.03
N GLN C 59 -14.27 106.12 -60.51
CA GLN C 59 -13.47 104.92 -60.45
C GLN C 59 -13.09 104.55 -59.01
N LEU C 60 -13.07 105.53 -58.10
CA LEU C 60 -12.77 105.23 -56.71
C LEU C 60 -13.98 104.62 -56.00
N ARG C 61 -15.19 105.02 -56.38
CA ARG C 61 -16.33 104.38 -55.76
C ARG C 61 -16.47 102.94 -56.22
N LEU C 62 -16.11 102.63 -57.46
CA LEU C 62 -16.25 101.26 -57.93
C LEU C 62 -15.21 100.35 -57.27
N MSE C 63 -14.02 100.87 -56.99
CA MSE C 63 -13.00 100.13 -56.24
C MSE C 63 -13.34 99.90 -54.79
O MSE C 63 -13.00 98.86 -54.23
CB MSE C 63 -11.66 100.83 -56.27
CG MSE C 63 -10.85 100.55 -57.48
SE MSE C 63 -10.43 98.65 -57.60
CE MSE C 63 -11.66 98.18 -59.05
N GLU C 64 -13.97 100.87 -54.12
CA GLU C 64 -14.33 100.52 -52.77
C GLU C 64 -15.46 99.49 -52.74
N ASP C 65 -16.42 99.58 -53.67
CA ASP C 65 -17.46 98.56 -53.74
C ASP C 65 -16.85 97.18 -53.93
N ALA C 66 -15.76 97.11 -54.70
CA ALA C 66 -15.10 95.85 -54.93
C ALA C 66 -14.44 95.35 -53.65
N ARG C 67 -13.59 96.19 -53.04
CA ARG C 67 -12.97 95.83 -51.77
C ARG C 67 -14.01 95.41 -50.73
N ASP C 68 -15.13 96.12 -50.65
CA ASP C 68 -16.08 95.79 -49.59
C ASP C 68 -16.77 94.47 -49.90
N GLY C 69 -17.16 94.27 -51.17
CA GLY C 69 -17.68 92.98 -51.56
C GLY C 69 -16.72 91.86 -51.18
N LEU C 70 -15.45 92.03 -51.52
CA LEU C 70 -14.43 91.04 -51.22
C LEU C 70 -14.20 90.89 -49.72
N ARG C 71 -14.09 92.01 -49.00
CA ARG C 71 -13.95 91.93 -47.56
C ARG C 71 -15.04 91.03 -46.97
N ARG C 72 -16.29 91.22 -47.39
CA ARG C 72 -17.40 90.42 -46.90
C ARG C 72 -17.18 88.93 -47.21
N GLU C 73 -16.93 88.61 -48.49
CA GLU C 73 -16.79 87.20 -48.88
C GLU C 73 -15.57 86.56 -48.23
N LEU C 74 -14.54 87.35 -47.87
CA LEU C 74 -13.39 86.76 -47.21
C LEU C 74 -13.70 86.44 -45.74
N LEU C 75 -14.44 87.34 -45.07
CA LEU C 75 -14.92 87.01 -43.73
C LEU C 75 -15.73 85.70 -43.73
N GLU C 76 -16.59 85.50 -44.74
CA GLU C 76 -17.35 84.27 -44.81
C GLU C 76 -16.44 83.10 -45.14
N ALA C 77 -15.44 83.31 -46.00
CA ALA C 77 -14.44 82.29 -46.26
C ALA C 77 -13.75 81.80 -44.99
N GLN C 78 -13.56 82.69 -44.03
CA GLN C 78 -12.85 82.40 -42.80
C GLN C 78 -13.73 81.70 -41.79
N ARG C 79 -15.02 82.07 -41.76
CA ARG C 79 -15.97 81.36 -40.89
C ARG C 79 -16.11 79.92 -41.33
N LYS C 80 -16.42 79.70 -42.61
CA LYS C 80 -16.47 78.35 -43.14
C LYS C 80 -15.17 77.57 -42.89
N LEU C 81 -14.01 78.24 -42.84
CA LEU C 81 -12.75 77.52 -42.70
C LEU C 81 -12.46 77.15 -41.25
N ARG C 82 -12.80 78.02 -40.30
CA ARG C 82 -12.68 77.62 -38.91
C ARG C 82 -13.68 76.50 -38.57
N GLU C 83 -14.90 76.61 -39.08
CA GLU C 83 -15.91 75.57 -38.85
C GLU C 83 -15.48 74.21 -39.42
N SER C 84 -14.64 74.20 -40.46
CA SER C 84 -14.10 72.95 -40.99
C SER C 84 -12.93 72.44 -40.14
N GLN C 85 -11.99 73.31 -39.79
CA GLN C 85 -10.88 72.84 -38.98
C GLN C 85 -11.29 72.48 -37.55
N GLU C 86 -12.55 72.72 -37.19
CA GLU C 86 -13.10 72.32 -35.90
C GLU C 86 -13.73 70.92 -35.99
N GLY C 87 -14.60 70.71 -37.00
CA GLY C 87 -15.03 69.37 -37.33
C GLY C 87 -13.87 68.42 -37.57
N ARG C 88 -12.73 68.92 -38.06
CA ARG C 88 -11.59 68.04 -38.28
C ARG C 88 -10.82 67.83 -37.00
N GLU C 89 -10.95 68.76 -36.06
CA GLU C 89 -10.40 68.55 -34.73
C GLU C 89 -11.22 67.51 -33.97
N VAL C 90 -12.54 67.55 -34.08
CA VAL C 90 -13.39 66.58 -33.40
C VAL C 90 -13.15 65.17 -33.94
N GLN C 91 -13.11 65.05 -35.27
CA GLN C 91 -12.84 63.73 -35.82
C GLN C 91 -11.43 63.27 -35.50
N ARG C 92 -10.53 64.21 -35.22
CA ARG C 92 -9.21 63.80 -34.80
C ARG C 92 -9.21 63.34 -33.35
N GLN C 93 -10.13 63.86 -32.53
CA GLN C 93 -10.23 63.35 -31.17
C GLN C 93 -10.91 61.98 -31.10
N GLU C 94 -11.75 61.65 -32.09
CA GLU C 94 -12.43 60.37 -32.07
C GLU C 94 -11.55 59.29 -32.67
N ALA C 95 -10.70 59.66 -33.64
CA ALA C 95 -9.69 58.72 -34.15
C ALA C 95 -8.79 58.19 -33.03
N GLY C 96 -8.31 59.07 -32.16
CA GLY C 96 -7.42 58.60 -31.12
C GLY C 96 -8.12 57.74 -30.09
N GLU C 97 -9.44 57.92 -29.96
CA GLU C 97 -10.23 57.15 -29.01
C GLU C 97 -10.53 55.76 -29.56
N LEU C 98 -10.93 55.66 -30.83
CA LEU C 98 -11.09 54.36 -31.43
C LEU C 98 -9.76 53.62 -31.44
N ARG C 99 -8.68 54.29 -31.81
CA ARG C 99 -7.38 53.66 -31.83
C ARG C 99 -7.03 53.06 -30.46
N ARG C 100 -7.21 53.84 -29.38
CA ARG C 100 -6.92 53.33 -28.04
C ARG C 100 -7.82 52.15 -27.69
N SER C 101 -9.07 52.16 -28.13
CA SER C 101 -9.97 51.04 -27.81
C SER C 101 -9.67 49.80 -28.64
N LEU C 102 -8.91 49.92 -29.72
CA LEU C 102 -8.38 48.73 -30.39
C LEU C 102 -7.19 48.18 -29.62
N GLY C 103 -6.35 49.07 -29.11
CA GLY C 103 -5.16 48.63 -28.42
C GLY C 103 -5.50 47.97 -27.10
N GLU C 104 -6.65 48.33 -26.54
CA GLU C 104 -7.17 47.72 -25.34
C GLU C 104 -7.80 46.37 -25.66
N GLY C 105 -8.58 46.31 -26.74
CA GLY C 105 -9.20 45.05 -27.11
C GLY C 105 -8.22 43.97 -27.50
N ALA C 106 -7.07 44.36 -28.06
CA ALA C 106 -6.05 43.37 -28.39
C ALA C 106 -5.35 42.86 -27.14
N LYS C 107 -5.11 43.73 -26.16
CA LYS C 107 -4.61 43.27 -24.87
C LYS C 107 -5.52 42.18 -24.31
N GLU C 108 -6.84 42.45 -24.29
CA GLU C 108 -7.77 41.52 -23.65
C GLU C 108 -7.88 40.21 -24.43
N ARG C 109 -7.87 40.28 -25.76
CA ARG C 109 -7.90 39.10 -26.62
C ARG C 109 -6.68 38.21 -26.40
N GLU C 110 -5.48 38.80 -26.37
CA GLU C 110 -4.29 37.99 -26.12
C GLU C 110 -4.18 37.56 -24.67
N ALA C 111 -4.99 38.12 -23.78
CA ALA C 111 -5.12 37.52 -22.47
C ALA C 111 -6.08 36.34 -22.52
N LEU C 112 -7.10 36.40 -23.38
CA LEU C 112 -8.01 35.28 -23.51
C LEU C 112 -7.31 34.10 -24.18
N ARG C 113 -6.53 34.35 -25.23
CA ARG C 113 -5.78 33.27 -25.88
C ARG C 113 -4.77 32.66 -24.91
N ARG C 114 -4.10 33.49 -24.11
CA ARG C 114 -3.17 32.98 -23.11
C ARG C 114 -3.87 32.03 -22.13
N SER C 115 -5.07 32.42 -21.67
CA SER C 115 -5.85 31.58 -20.77
C SER C 115 -6.43 30.38 -21.51
N ASN C 116 -6.68 30.53 -22.82
CA ASN C 116 -7.25 29.46 -23.63
C ASN C 116 -6.28 28.29 -23.76
N GLU C 117 -4.99 28.56 -24.00
CA GLU C 117 -4.02 27.50 -24.24
C GLU C 117 -3.52 26.92 -22.94
N GLU C 118 -3.74 27.63 -21.83
CA GLU C 118 -3.55 27.03 -20.53
C GLU C 118 -4.61 25.95 -20.29
N LEU C 119 -5.87 26.24 -20.61
CA LEU C 119 -6.95 25.30 -20.40
C LEU C 119 -6.83 24.06 -21.28
N ARG C 120 -6.56 24.21 -22.57
CA ARG C 120 -6.40 23.05 -23.42
C ARG C 120 -5.24 22.18 -22.92
N SER C 121 -4.22 22.79 -22.32
CA SER C 121 -3.09 22.01 -21.83
C SER C 121 -3.44 21.32 -20.51
N ALA C 122 -4.43 21.86 -19.80
CA ALA C 122 -4.93 21.21 -18.60
C ALA C 122 -5.94 20.13 -18.94
N VAL C 123 -6.68 20.28 -20.04
CA VAL C 123 -7.58 19.23 -20.47
C VAL C 123 -6.78 18.02 -20.96
N LYS C 124 -5.68 18.29 -21.66
CA LYS C 124 -4.75 17.26 -22.08
C LYS C 124 -4.24 16.44 -20.89
N LYS C 125 -3.75 17.12 -19.85
CA LYS C 125 -3.22 16.38 -18.71
C LYS C 125 -4.34 15.71 -17.93
N ALA C 126 -5.47 16.41 -17.74
CA ALA C 126 -6.64 15.80 -17.10
C ALA C 126 -7.01 14.48 -17.77
N GLU C 127 -6.99 14.44 -19.10
CA GLU C 127 -7.33 13.21 -19.82
C GLU C 127 -6.17 12.23 -19.84
N SER C 128 -4.94 12.71 -19.64
CA SER C 128 -3.82 11.76 -19.56
C SER C 128 -3.89 10.94 -18.27
N GLU C 129 -4.27 11.59 -17.16
CA GLU C 129 -4.49 10.95 -15.87
C GLU C 129 -5.75 10.12 -15.82
N ARG C 130 -6.76 10.46 -16.62
CA ARG C 130 -8.04 9.74 -16.55
C ARG C 130 -7.86 8.31 -17.05
N ILE C 131 -7.27 8.16 -18.25
CA ILE C 131 -7.02 6.85 -18.80
C ILE C 131 -6.05 6.06 -17.92
N SER C 132 -5.16 6.77 -17.23
CA SER C 132 -4.10 6.11 -16.47
C SER C 132 -4.67 5.47 -15.21
N LEU C 133 -5.55 6.21 -14.53
CA LEU C 133 -6.27 5.69 -13.37
C LEU C 133 -7.25 4.56 -13.75
N LYS C 134 -7.72 4.55 -15.00
CA LYS C 134 -8.64 3.50 -15.43
C LYS C 134 -7.90 2.19 -15.65
N LEU C 135 -6.60 2.28 -15.95
CA LEU C 135 -5.76 1.09 -16.05
C LEU C 135 -5.53 0.50 -14.66
N ALA C 136 -5.17 1.35 -13.71
CA ALA C 136 -4.95 0.95 -12.33
C ALA C 136 -6.21 0.39 -11.69
N ASN C 137 -7.38 0.87 -12.10
CA ASN C 137 -8.62 0.29 -11.59
C ASN C 137 -8.86 -1.08 -12.19
N GLU C 138 -8.97 -1.15 -13.51
CA GLU C 138 -9.10 -2.44 -14.18
C GLU C 138 -8.02 -3.44 -13.74
N ASP C 139 -6.80 -2.96 -13.45
CA ASP C 139 -5.79 -3.82 -12.85
C ASP C 139 -6.29 -4.42 -11.54
N LYS C 140 -6.62 -3.57 -10.57
CA LYS C 140 -7.08 -4.04 -9.27
C LYS C 140 -8.43 -4.73 -9.33
N GLU C 141 -9.13 -4.63 -10.47
CA GLU C 141 -10.43 -5.26 -10.65
C GLU C 141 -10.29 -6.78 -10.82
N GLN C 142 -9.31 -7.22 -11.61
CA GLN C 142 -9.06 -8.65 -11.84
C GLN C 142 -8.10 -9.25 -10.81
N LYS C 143 -7.13 -8.49 -10.29
CA LYS C 143 -6.36 -8.99 -9.14
C LYS C 143 -7.25 -9.30 -7.94
N LEU C 144 -8.34 -8.55 -7.75
CA LEU C 144 -9.26 -8.88 -6.68
C LEU C 144 -10.08 -10.13 -7.02
N ALA C 145 -10.35 -10.39 -8.30
CA ALA C 145 -11.21 -11.52 -8.63
C ALA C 145 -10.48 -12.86 -8.50
N LEU C 146 -9.15 -12.86 -8.67
CA LEU C 146 -8.35 -14.09 -8.54
C LEU C 146 -8.09 -14.40 -7.07
N LEU C 147 -7.74 -13.39 -6.28
CA LEU C 147 -7.50 -13.60 -4.86
C LEU C 147 -8.76 -14.10 -4.15
N GLU C 148 -9.94 -13.62 -4.54
CA GLU C 148 -11.16 -14.15 -3.91
C GLU C 148 -11.33 -15.63 -4.25
N GLU C 149 -10.83 -16.06 -5.40
CA GLU C 149 -10.83 -17.48 -5.71
C GLU C 149 -9.74 -18.22 -4.93
N ALA C 150 -8.56 -17.60 -4.78
CA ALA C 150 -7.46 -18.23 -4.04
C ALA C 150 -7.74 -18.32 -2.55
N ARG C 151 -8.55 -17.41 -2.02
CA ARG C 151 -9.00 -17.46 -0.62
C ARG C 151 -10.10 -18.50 -0.45
N THR C 152 -10.95 -18.65 -1.46
CA THR C 152 -11.99 -19.67 -1.42
C THR C 152 -11.38 -21.06 -1.45
N ALA C 153 -10.32 -21.25 -2.25
CA ALA C 153 -9.57 -22.51 -2.22
C ALA C 153 -9.23 -22.90 -0.79
N VAL C 154 -8.28 -22.20 -0.17
CA VAL C 154 -7.75 -22.55 1.15
C VAL C 154 -8.77 -22.40 2.27
N GLY C 155 -9.98 -21.96 1.95
CA GLY C 155 -11.01 -21.90 2.96
C GLY C 155 -11.94 -23.08 2.87
N LYS C 156 -12.12 -23.60 1.65
CA LYS C 156 -12.93 -24.80 1.49
C LYS C 156 -12.13 -26.06 1.78
N GLU C 157 -10.84 -26.05 1.43
CA GLU C 157 -10.02 -27.24 1.62
C GLU C 157 -9.61 -27.42 3.07
N ALA C 158 -9.34 -26.33 3.79
CA ALA C 158 -9.10 -26.44 5.22
C ALA C 158 -10.39 -26.52 6.03
N GLY C 159 -11.53 -26.17 5.42
CA GLY C 159 -12.80 -26.45 6.07
C GLY C 159 -13.13 -27.93 6.06
N GLU C 160 -12.75 -28.62 4.99
CA GLU C 160 -12.87 -30.07 4.85
C GLU C 160 -11.80 -30.81 5.63
N LEU C 161 -10.64 -30.19 5.86
CA LEU C 161 -9.68 -30.73 6.84
C LEU C 161 -10.32 -30.85 8.21
N ARG C 162 -10.87 -29.76 8.74
CA ARG C 162 -11.56 -29.75 10.03
C ARG C 162 -12.73 -30.72 10.04
N THR C 163 -13.37 -30.93 8.90
CA THR C 163 -14.46 -31.92 8.84
C THR C 163 -13.91 -33.33 8.87
N GLY C 164 -12.75 -33.55 8.25
CA GLY C 164 -12.07 -34.83 8.32
C GLY C 164 -11.30 -35.00 9.61
N LEU C 165 -10.69 -33.93 10.11
CA LEU C 165 -9.99 -34.02 11.39
C LEU C 165 -10.94 -34.41 12.52
N GLN C 166 -12.18 -33.92 12.49
CA GLN C 166 -13.12 -34.33 13.54
C GLN C 166 -13.61 -35.75 13.36
N GLU C 167 -13.19 -36.45 12.31
CA GLU C 167 -13.39 -37.89 12.18
C GLU C 167 -12.14 -38.71 12.43
N VAL C 168 -10.96 -38.16 12.13
CA VAL C 168 -9.74 -38.88 12.42
C VAL C 168 -9.40 -38.81 13.91
N GLU C 169 -9.79 -37.72 14.59
CA GLU C 169 -9.58 -37.66 16.03
C GLU C 169 -10.55 -38.56 16.78
N ARG C 170 -11.79 -38.71 16.27
CA ARG C 170 -12.69 -39.72 16.80
C ARG C 170 -12.13 -41.12 16.60
N SER C 171 -11.75 -41.46 15.38
CA SER C 171 -11.26 -42.81 15.14
C SER C 171 -9.92 -43.06 15.84
N ARG C 172 -9.17 -42.01 16.19
CA ARG C 172 -8.01 -42.23 17.05
C ARG C 172 -8.42 -42.65 18.45
N LEU C 173 -9.46 -42.02 19.02
CA LEU C 173 -9.85 -42.36 20.38
C LEU C 173 -10.57 -43.71 20.45
N GLU C 174 -11.26 -44.11 19.39
CA GLU C 174 -11.99 -45.38 19.40
C GLU C 174 -11.01 -46.55 19.42
N ALA C 175 -9.85 -46.39 18.78
CA ALA C 175 -8.84 -47.44 18.82
C ALA C 175 -8.16 -47.49 20.20
N ARG C 176 -7.74 -46.34 20.73
CA ARG C 176 -7.27 -46.29 22.11
C ARG C 176 -8.34 -46.80 23.09
N ARG C 177 -9.64 -46.74 22.71
CA ARG C 177 -10.73 -47.13 23.61
C ARG C 177 -10.91 -48.64 23.64
N GLU C 178 -10.80 -49.30 22.48
CA GLU C 178 -10.95 -50.75 22.41
C GLU C 178 -9.64 -51.49 22.70
N LEU C 179 -8.51 -50.79 22.62
CA LEU C 179 -7.27 -51.41 23.04
C LEU C 179 -7.30 -51.67 24.53
N GLN C 180 -7.82 -50.73 25.32
CA GLN C 180 -7.97 -50.98 26.75
C GLN C 180 -8.93 -52.13 27.01
N GLU C 181 -10.01 -52.23 26.21
CA GLU C 181 -10.94 -53.33 26.45
C GLU C 181 -10.36 -54.66 25.98
N LEU C 182 -9.48 -54.62 24.98
CA LEU C 182 -8.74 -55.81 24.60
C LEU C 182 -7.80 -56.27 25.72
N ARG C 183 -7.11 -55.32 26.37
CA ARG C 183 -6.23 -55.69 27.48
C ARG C 183 -7.01 -56.22 28.67
N ARG C 184 -8.25 -55.77 28.84
CA ARG C 184 -9.13 -56.36 29.83
C ARG C 184 -9.36 -57.84 29.52
N GLN C 185 -9.53 -58.17 28.24
CA GLN C 185 -9.63 -59.57 27.87
C GLN C 185 -8.31 -60.31 28.00
N MSE C 186 -7.18 -59.60 27.93
CA MSE C 186 -5.90 -60.27 28.08
C MSE C 186 -5.62 -60.68 29.54
O MSE C 186 -5.26 -61.85 29.79
CB MSE C 186 -4.77 -59.39 27.54
CG MSE C 186 -3.37 -59.91 27.83
SE MSE C 186 -2.96 -61.72 27.19
CE MSE C 186 -1.07 -61.76 27.65
N LYS C 187 -5.76 -59.74 30.48
CA LYS C 187 -5.63 -60.10 31.90
C LYS C 187 -6.48 -61.32 32.25
N MSE C 188 -7.64 -61.44 31.63
CA MSE C 188 -8.61 -62.47 31.92
C MSE C 188 -8.17 -63.78 31.27
O MSE C 188 -8.68 -64.86 31.61
CB MSE C 188 -9.97 -61.98 31.42
CG MSE C 188 -11.19 -62.82 31.70
SE MSE C 188 -12.78 -61.81 31.16
CE MSE C 188 -12.94 -60.64 32.72
N LEU C 189 -7.20 -63.69 30.34
CA LEU C 189 -6.48 -64.86 29.85
C LEU C 189 -5.17 -65.14 30.59
N ASP C 190 -4.41 -64.11 30.99
CA ASP C 190 -3.21 -64.38 31.76
C ASP C 190 -3.52 -64.98 33.13
N SER C 191 -4.71 -64.70 33.67
CA SER C 191 -5.02 -65.13 35.02
C SER C 191 -5.42 -66.61 35.05
N GLU C 192 -6.21 -67.03 34.07
CA GLU C 192 -6.47 -68.44 33.86
C GLU C 192 -5.21 -69.18 33.47
N ASN C 193 -4.32 -68.52 32.71
CA ASN C 193 -3.01 -69.11 32.43
C ASN C 193 -2.31 -69.51 33.73
N THR C 194 -2.22 -68.59 34.69
CA THR C 194 -1.56 -68.93 35.94
C THR C 194 -2.45 -69.85 36.79
N ARG C 195 -3.78 -69.71 36.68
CA ARG C 195 -4.68 -70.68 37.30
C ARG C 195 -4.34 -72.09 36.85
N LEU C 196 -4.34 -72.30 35.53
CA LEU C 196 -4.09 -73.63 35.01
C LEU C 196 -2.71 -74.14 35.42
N GLY C 197 -1.73 -73.25 35.50
CA GLY C 197 -0.39 -73.68 35.86
C GLY C 197 -0.22 -74.04 37.32
N ARG C 198 -0.98 -73.38 38.21
CA ARG C 198 -0.78 -73.61 39.64
C ARG C 198 -1.45 -74.90 40.10
N GLU C 199 -2.58 -75.28 39.47
CA GLU C 199 -3.19 -76.57 39.77
C GLU C 199 -2.55 -77.70 38.96
N LEU C 200 -1.77 -77.36 37.94
CA LEU C 200 -0.92 -78.35 37.30
C LEU C 200 0.22 -78.77 38.22
N ALA C 201 0.97 -77.79 38.75
CA ALA C 201 2.00 -78.09 39.74
C ALA C 201 1.42 -78.78 40.99
N GLU C 202 0.14 -78.56 41.28
CA GLU C 202 -0.50 -79.23 42.40
C GLU C 202 -0.55 -80.74 42.18
N LEU C 203 -1.16 -81.17 41.06
CA LEU C 203 -1.24 -82.60 40.78
C LEU C 203 0.13 -83.22 40.49
N GLN C 204 1.03 -82.49 39.84
CA GLN C 204 2.39 -82.99 39.64
C GLN C 204 3.15 -83.12 40.96
N GLY C 205 2.72 -82.43 42.00
CA GLY C 205 3.31 -82.65 43.31
C GLY C 205 2.60 -83.77 44.04
N ARG C 206 1.29 -83.87 43.84
CA ARG C 206 0.50 -84.89 44.52
C ARG C 206 0.85 -86.28 44.05
N LEU C 207 0.94 -86.49 42.73
CA LEU C 207 1.41 -87.77 42.22
C LEU C 207 2.89 -87.97 42.47
N ALA C 208 3.62 -86.91 42.82
CA ALA C 208 5.04 -87.04 43.13
C ALA C 208 5.30 -87.75 44.46
N LEU C 209 4.26 -88.01 45.24
CA LEU C 209 4.43 -88.62 46.55
C LEU C 209 3.52 -89.83 46.74
N GLY C 210 2.36 -89.82 46.08
CA GLY C 210 1.42 -90.92 46.20
C GLY C 210 1.69 -92.06 45.25
N GLU C 211 2.09 -91.72 44.01
CA GLU C 211 2.41 -92.71 42.98
C GLU C 211 3.60 -92.23 42.14
N ASN D 8 -4.46 178.91 -82.80
CA ASN D 8 -5.16 178.28 -81.70
C ASN D 8 -6.01 177.09 -82.18
N ALA D 9 -6.61 177.22 -83.38
CA ALA D 9 -7.44 176.15 -83.92
C ALA D 9 -6.63 174.90 -84.24
N LEU D 10 -5.32 175.03 -84.40
CA LEU D 10 -4.48 173.85 -84.60
C LEU D 10 -4.03 173.25 -83.26
N THR D 11 -3.70 174.10 -82.29
CA THR D 11 -3.34 173.57 -80.97
C THR D 11 -4.54 172.92 -80.28
N SER D 12 -5.76 173.16 -80.78
CA SER D 12 -6.96 172.53 -80.23
C SER D 12 -7.00 171.03 -80.51
N GLU D 13 -6.47 170.61 -81.66
CA GLU D 13 -6.43 169.18 -81.95
C GLU D 13 -5.29 168.48 -81.21
N LEU D 14 -4.18 169.18 -80.93
CA LEU D 14 -3.08 168.57 -80.20
C LEU D 14 -3.43 168.38 -78.73
N ARG D 15 -4.20 169.31 -78.14
CA ARG D 15 -4.72 169.10 -76.80
C ARG D 15 -5.85 168.08 -76.79
N ASP D 16 -6.62 168.00 -77.88
CA ASP D 16 -7.68 167.00 -77.94
C ASP D 16 -7.09 165.59 -78.01
N LEU D 17 -6.14 165.38 -78.92
CA LEU D 17 -5.62 164.03 -79.10
C LEU D 17 -4.69 163.63 -77.95
N ARG D 18 -3.94 164.58 -77.39
CA ARG D 18 -3.12 164.28 -76.22
C ARG D 18 -3.97 163.86 -75.01
N ALA D 19 -5.23 164.32 -74.97
CA ALA D 19 -6.15 163.85 -73.95
C ALA D 19 -6.64 162.44 -74.27
N GLN D 20 -7.13 162.24 -75.50
CA GLN D 20 -7.50 160.90 -75.95
C GLN D 20 -6.35 159.91 -75.76
N ARG D 21 -5.12 160.36 -76.02
CA ARG D 21 -3.95 159.53 -75.82
C ARG D 21 -3.83 159.04 -74.38
N GLU D 22 -3.93 159.95 -73.40
CA GLU D 22 -3.69 159.54 -72.02
C GLU D 22 -4.87 158.74 -71.47
N GLU D 23 -6.08 159.04 -71.95
CA GLU D 23 -7.25 158.31 -71.48
C GLU D 23 -7.31 156.90 -72.09
N ALA D 24 -6.88 156.75 -73.34
CA ALA D 24 -6.79 155.42 -73.92
C ALA D 24 -5.76 154.57 -73.19
N ALA D 25 -4.68 155.19 -72.71
CA ALA D 25 -3.66 154.42 -72.02
C ALA D 25 -4.18 153.86 -70.70
N ALA D 26 -4.95 154.67 -69.97
CA ALA D 26 -5.58 154.19 -68.74
C ALA D 26 -6.62 153.11 -69.02
N ALA D 27 -7.40 153.27 -70.09
CA ALA D 27 -8.43 152.27 -70.41
C ALA D 27 -7.80 150.88 -70.63
N HIS D 28 -6.77 150.80 -71.48
CA HIS D 28 -6.00 149.57 -71.65
C HIS D 28 -5.48 149.06 -70.32
N ALA D 29 -4.94 149.96 -69.50
CA ALA D 29 -4.31 149.53 -68.26
C ALA D 29 -5.33 148.84 -67.33
N GLN D 30 -6.53 149.40 -67.24
CA GLN D 30 -7.62 148.79 -66.48
C GLN D 30 -8.04 147.48 -67.11
N GLU D 31 -8.07 147.43 -68.45
CA GLU D 31 -8.41 146.19 -69.11
C GLU D 31 -7.35 145.12 -68.86
N VAL D 32 -6.08 145.48 -68.88
CA VAL D 32 -5.05 144.47 -68.62
C VAL D 32 -5.13 143.99 -67.18
N ARG D 33 -5.55 144.86 -66.26
CA ARG D 33 -5.69 144.43 -64.87
C ARG D 33 -6.87 143.47 -64.72
N ARG D 34 -8.02 143.83 -65.31
CA ARG D 34 -9.24 143.03 -65.23
C ARG D 34 -9.15 141.74 -66.02
N LEU D 35 -8.06 141.54 -66.78
CA LEU D 35 -7.81 140.26 -67.40
C LEU D 35 -6.70 139.47 -66.72
N GLN D 36 -5.66 140.15 -66.20
CA GLN D 36 -4.64 139.42 -65.43
C GLN D 36 -5.26 138.72 -64.23
N GLU D 37 -6.17 139.39 -63.54
CA GLU D 37 -6.84 138.77 -62.43
C GLU D 37 -7.81 137.69 -62.88
N GLN D 38 -8.29 137.73 -64.12
CA GLN D 38 -9.09 136.61 -64.61
C GLN D 38 -8.24 135.35 -64.68
N ALA D 39 -6.98 135.51 -65.11
CA ALA D 39 -6.03 134.40 -65.18
C ALA D 39 -5.64 133.89 -63.80
N ARG D 40 -5.54 134.78 -62.82
CA ARG D 40 -5.22 134.34 -61.46
C ARG D 40 -6.41 133.61 -60.86
N ASP D 41 -7.62 134.10 -61.11
CA ASP D 41 -8.80 133.41 -60.62
C ASP D 41 -8.89 132.01 -61.23
N LEU D 42 -8.84 131.93 -62.57
CA LEU D 42 -8.91 130.64 -63.24
C LEU D 42 -7.65 129.81 -63.04
N GLY D 43 -6.52 130.45 -62.72
CA GLY D 43 -5.31 129.73 -62.42
C GLY D 43 -5.39 129.02 -61.09
N LYS D 44 -5.94 129.70 -60.08
CA LYS D 44 -6.07 129.10 -58.75
C LYS D 44 -7.13 128.01 -58.76
N GLN D 45 -8.26 128.25 -59.46
CA GLN D 45 -9.29 127.22 -59.54
C GLN D 45 -8.77 125.97 -60.21
N ARG D 46 -7.77 126.12 -61.07
CA ARG D 46 -7.15 125.00 -61.77
C ARG D 46 -6.11 124.34 -60.88
N ASP D 47 -5.25 125.13 -60.24
CA ASP D 47 -4.38 124.58 -59.23
C ASP D 47 -5.18 123.83 -58.17
N SER D 48 -6.35 124.37 -57.82
CA SER D 48 -7.22 123.73 -56.86
C SER D 48 -7.71 122.39 -57.38
N CYS D 49 -7.99 122.31 -58.68
CA CYS D 49 -8.46 121.04 -59.22
C CYS D 49 -7.35 120.01 -59.37
N MSE D 50 -6.13 120.43 -59.71
CA MSE D 50 -5.03 119.48 -59.83
C MSE D 50 -4.68 118.84 -58.50
O MSE D 50 -4.29 117.67 -58.48
CB MSE D 50 -3.81 120.13 -60.42
CG MSE D 50 -3.96 120.50 -61.86
SE MSE D 50 -2.25 120.94 -62.66
CE MSE D 50 -1.94 122.72 -61.91
N ARG D 51 -4.77 119.60 -57.40
CA ARG D 51 -4.51 118.98 -56.10
C ARG D 51 -5.54 117.90 -55.82
N GLU D 52 -6.83 118.25 -55.92
CA GLU D 52 -7.91 117.29 -55.77
C GLU D 52 -7.80 116.10 -56.72
N ALA D 53 -7.14 116.27 -57.88
CA ALA D 53 -7.07 115.13 -58.80
C ALA D 53 -5.87 114.24 -58.48
N GLU D 54 -4.75 114.84 -58.09
CA GLU D 54 -3.60 114.06 -57.62
C GLU D 54 -3.92 113.31 -56.34
N GLU D 55 -4.76 113.90 -55.46
CA GLU D 55 -5.24 113.17 -54.29
C GLU D 55 -6.08 111.96 -54.68
N LEU D 56 -7.05 112.13 -55.57
CA LEU D 56 -7.86 110.99 -55.97
C LEU D 56 -7.02 109.91 -56.65
N ARG D 57 -6.04 110.30 -57.46
CA ARG D 57 -5.30 109.30 -58.24
C ARG D 57 -4.33 108.50 -57.37
N THR D 58 -3.93 109.05 -56.23
CA THR D 58 -3.14 108.30 -55.26
C THR D 58 -4.02 107.47 -54.32
N GLN D 59 -5.19 108.01 -53.95
CA GLN D 59 -6.14 107.31 -53.10
C GLN D 59 -6.75 106.11 -53.81
N LEU D 60 -6.78 106.10 -55.15
CA LEU D 60 -7.34 104.92 -55.79
C LEU D 60 -6.29 103.83 -55.97
N ARG D 61 -5.04 104.20 -56.27
CA ARG D 61 -4.04 103.17 -56.50
C ARG D 61 -3.89 102.25 -55.31
N LEU D 62 -4.28 102.74 -54.12
CA LEU D 62 -4.27 101.92 -52.92
C LEU D 62 -5.28 100.79 -53.00
N MSE D 63 -6.53 101.07 -53.34
CA MSE D 63 -7.47 99.96 -53.37
C MSE D 63 -7.28 99.13 -54.62
O MSE D 63 -7.68 97.97 -54.63
CB MSE D 63 -8.91 100.43 -53.26
CG MSE D 63 -9.23 100.91 -51.87
SE MSE D 63 -11.13 101.20 -51.65
CE MSE D 63 -11.08 101.98 -49.87
N GLU D 64 -6.67 99.69 -55.67
CA GLU D 64 -6.16 98.84 -56.73
C GLU D 64 -5.10 97.88 -56.17
N ASP D 65 -4.49 98.23 -55.03
CA ASP D 65 -3.57 97.34 -54.32
C ASP D 65 -4.27 96.58 -53.19
N ALA D 66 -5.26 97.20 -52.55
CA ALA D 66 -6.05 96.54 -51.51
C ALA D 66 -6.95 95.46 -52.08
N ARG D 67 -7.82 95.82 -53.03
CA ARG D 67 -8.69 94.85 -53.68
C ARG D 67 -7.94 93.66 -54.25
N ASP D 68 -6.74 93.89 -54.80
CA ASP D 68 -6.04 92.78 -55.44
C ASP D 68 -5.45 91.84 -54.39
N GLY D 69 -4.96 92.41 -53.29
CA GLY D 69 -4.58 91.57 -52.17
C GLY D 69 -5.76 90.77 -51.63
N LEU D 70 -6.88 91.44 -51.40
CA LEU D 70 -8.06 90.71 -50.92
C LEU D 70 -8.54 89.67 -51.92
N ARG D 71 -8.33 89.89 -53.21
CA ARG D 71 -8.73 88.89 -54.19
C ARG D 71 -7.85 87.65 -54.08
N ARG D 72 -6.53 87.86 -54.01
CA ARG D 72 -5.59 86.79 -53.74
C ARG D 72 -5.97 86.04 -52.46
N GLU D 73 -6.34 86.75 -51.39
CA GLU D 73 -6.65 86.07 -50.14
C GLU D 73 -7.93 85.26 -50.23
N LEU D 74 -8.95 85.76 -50.95
CA LEU D 74 -10.18 84.98 -51.11
C LEU D 74 -9.92 83.65 -51.81
N LEU D 75 -8.91 83.60 -52.66
CA LEU D 75 -8.67 82.34 -53.36
C LEU D 75 -8.00 81.33 -52.43
N GLU D 76 -6.86 81.70 -51.85
CA GLU D 76 -6.22 80.84 -50.86
C GLU D 76 -7.17 80.51 -49.74
N ALA D 77 -8.08 81.42 -49.40
CA ALA D 77 -9.12 81.09 -48.43
C ALA D 77 -9.98 79.94 -48.92
N GLN D 78 -10.37 79.99 -50.20
CA GLN D 78 -11.24 78.97 -50.76
C GLN D 78 -10.51 77.67 -51.02
N ARG D 79 -9.16 77.74 -51.13
CA ARG D 79 -8.34 76.57 -51.37
C ARG D 79 -8.02 75.88 -50.06
N LYS D 80 -7.62 76.66 -49.05
CA LYS D 80 -7.54 76.05 -47.73
C LYS D 80 -8.85 75.36 -47.35
N LEU D 81 -9.99 75.99 -47.61
CA LEU D 81 -11.27 75.35 -47.32
C LEU D 81 -11.46 74.07 -48.13
N ARG D 82 -11.01 74.07 -49.38
CA ARG D 82 -11.17 72.93 -50.26
C ARG D 82 -10.30 71.73 -49.81
N GLU D 83 -9.25 71.98 -49.01
CA GLU D 83 -8.36 70.95 -48.49
C GLU D 83 -8.78 70.45 -47.11
N SER D 84 -9.30 71.33 -46.25
CA SER D 84 -9.83 70.86 -44.98
C SER D 84 -11.02 69.92 -45.17
N GLN D 85 -11.92 70.25 -46.09
CA GLN D 85 -13.01 69.33 -46.39
C GLN D 85 -12.49 68.01 -46.95
N GLU D 86 -11.29 68.03 -47.56
CA GLU D 86 -10.68 66.81 -48.07
C GLU D 86 -9.97 66.03 -46.94
N GLY D 87 -9.42 66.73 -45.95
CA GLY D 87 -8.93 66.04 -44.77
C GLY D 87 -10.03 65.28 -44.06
N ARG D 88 -11.15 65.95 -43.82
CA ARG D 88 -12.26 65.26 -43.17
C ARG D 88 -12.77 64.08 -44.00
N GLU D 89 -12.65 64.16 -45.33
CA GLU D 89 -13.03 63.01 -46.15
C GLU D 89 -12.09 61.84 -45.97
N VAL D 90 -10.82 62.11 -45.65
CA VAL D 90 -9.90 61.02 -45.33
C VAL D 90 -10.18 60.49 -43.92
N GLN D 91 -10.42 61.38 -42.96
CA GLN D 91 -10.77 60.94 -41.62
C GLN D 91 -11.98 60.00 -41.62
N ARG D 92 -12.99 60.25 -42.46
CA ARG D 92 -14.16 59.38 -42.43
C ARG D 92 -13.86 58.00 -42.99
N GLN D 93 -13.03 57.91 -44.03
CA GLN D 93 -12.61 56.59 -44.50
C GLN D 93 -11.72 55.89 -43.47
N GLU D 94 -10.82 56.63 -42.81
CA GLU D 94 -9.98 55.99 -41.81
C GLU D 94 -10.78 55.52 -40.61
N ALA D 95 -11.72 56.33 -40.11
CA ALA D 95 -12.59 55.84 -39.04
C ALA D 95 -13.39 54.62 -39.48
N GLY D 96 -13.64 54.49 -40.79
CA GLY D 96 -14.38 53.33 -41.27
C GLY D 96 -13.65 52.03 -41.02
N GLU D 97 -12.34 52.00 -41.29
CA GLU D 97 -11.52 50.84 -41.04
C GLU D 97 -11.32 50.59 -39.55
N LEU D 98 -11.28 51.66 -38.74
CA LEU D 98 -11.11 51.48 -37.30
C LEU D 98 -12.29 50.76 -36.69
N ARG D 99 -13.50 51.33 -36.83
CA ARG D 99 -14.70 50.60 -36.45
C ARG D 99 -14.81 49.22 -37.10
N ARG D 100 -14.08 48.98 -38.19
CA ARG D 100 -14.17 47.69 -38.88
C ARG D 100 -13.32 46.65 -38.17
N SER D 101 -12.13 47.04 -37.70
CA SER D 101 -11.28 46.12 -36.95
C SER D 101 -11.84 45.90 -35.55
N LEU D 102 -12.45 46.95 -34.98
CA LEU D 102 -13.09 46.90 -33.68
C LEU D 102 -14.27 45.94 -33.66
N GLY D 103 -15.04 45.90 -34.74
CA GLY D 103 -16.10 44.92 -34.87
C GLY D 103 -15.55 43.52 -35.05
N GLU D 104 -14.37 43.39 -35.67
CA GLU D 104 -13.73 42.09 -35.84
C GLU D 104 -13.15 41.56 -34.53
N GLY D 105 -12.54 42.43 -33.71
CA GLY D 105 -11.93 41.98 -32.47
C GLY D 105 -12.95 41.64 -31.41
N ALA D 106 -14.12 42.29 -31.45
CA ALA D 106 -15.21 41.89 -30.57
C ALA D 106 -15.69 40.49 -30.89
N LYS D 107 -15.85 40.16 -32.16
CA LYS D 107 -16.23 38.81 -32.56
C LYS D 107 -15.22 37.79 -32.05
N GLU D 108 -13.92 38.08 -32.21
CA GLU D 108 -12.88 37.16 -31.77
C GLU D 108 -12.89 37.02 -30.25
N ARG D 109 -13.13 38.11 -29.53
CA ARG D 109 -13.12 38.04 -28.07
C ARG D 109 -14.30 37.23 -27.53
N GLU D 110 -15.48 37.36 -28.13
CA GLU D 110 -16.59 36.52 -27.66
C GLU D 110 -16.50 35.10 -28.20
N ALA D 111 -15.83 34.87 -29.33
CA ALA D 111 -15.51 33.50 -29.68
C ALA D 111 -14.57 32.89 -28.66
N LEU D 112 -13.56 33.65 -28.23
CA LEU D 112 -12.65 33.17 -27.20
C LEU D 112 -13.34 33.02 -25.84
N ARG D 113 -14.18 33.98 -25.45
CA ARG D 113 -14.87 33.85 -24.18
C ARG D 113 -15.80 32.64 -24.18
N ARG D 114 -16.49 32.40 -25.29
CA ARG D 114 -17.26 31.17 -25.42
C ARG D 114 -16.35 29.94 -25.30
N SER D 115 -15.16 30.02 -25.88
CA SER D 115 -14.23 28.91 -25.92
C SER D 115 -13.69 28.60 -24.52
N ASN D 116 -13.38 29.65 -23.74
CA ASN D 116 -12.95 29.43 -22.36
C ASN D 116 -14.06 28.82 -21.52
N GLU D 117 -15.29 29.35 -21.63
CA GLU D 117 -16.41 28.83 -20.84
C GLU D 117 -16.67 27.37 -21.19
N GLU D 118 -16.41 27.00 -22.44
CA GLU D 118 -16.52 25.61 -22.81
C GLU D 118 -15.44 24.77 -22.13
N LEU D 119 -14.21 25.27 -22.09
CA LEU D 119 -13.12 24.52 -21.49
C LEU D 119 -13.24 24.41 -19.97
N ARG D 120 -13.62 25.50 -19.30
CA ARG D 120 -13.73 25.44 -17.85
C ARG D 120 -14.82 24.48 -17.41
N SER D 121 -15.87 24.30 -18.23
CA SER D 121 -16.84 23.26 -17.95
C SER D 121 -16.22 21.89 -18.11
N ALA D 122 -15.38 21.72 -19.14
CA ALA D 122 -14.78 20.44 -19.43
C ALA D 122 -13.77 20.05 -18.35
N VAL D 123 -13.08 21.04 -17.77
CA VAL D 123 -12.14 20.76 -16.68
C VAL D 123 -12.86 20.26 -15.44
N LYS D 124 -14.03 20.82 -15.10
CA LYS D 124 -14.83 20.28 -14.00
C LYS D 124 -15.21 18.83 -14.27
N LYS D 125 -15.56 18.52 -15.52
CA LYS D 125 -15.98 17.17 -15.84
C LYS D 125 -14.84 16.18 -15.70
N ALA D 126 -13.70 16.50 -16.32
CA ALA D 126 -12.50 15.67 -16.21
C ALA D 126 -12.14 15.41 -14.75
N GLU D 127 -12.24 16.44 -13.89
CA GLU D 127 -11.77 16.32 -12.52
C GLU D 127 -12.79 15.61 -11.63
N SER D 128 -14.09 15.82 -11.87
CA SER D 128 -15.08 14.96 -11.24
C SER D 128 -14.81 13.50 -11.55
N GLU D 129 -14.36 13.19 -12.77
CA GLU D 129 -14.03 11.81 -13.09
C GLU D 129 -12.64 11.41 -12.60
N ARG D 130 -11.72 12.37 -12.43
CA ARG D 130 -10.41 12.01 -11.92
C ARG D 130 -10.50 11.50 -10.48
N ILE D 131 -11.28 12.19 -9.63
CA ILE D 131 -11.31 11.83 -8.21
C ILE D 131 -12.25 10.66 -8.00
N SER D 132 -13.12 10.38 -8.96
CA SER D 132 -13.98 9.21 -8.85
C SER D 132 -13.18 7.94 -9.08
N LEU D 133 -12.26 7.97 -10.05
CA LEU D 133 -11.34 6.85 -10.26
C LEU D 133 -10.27 6.78 -9.19
N LYS D 134 -9.89 7.90 -8.59
CA LYS D 134 -8.82 7.85 -7.61
C LYS D 134 -9.28 7.13 -6.36
N LEU D 135 -10.43 7.56 -5.82
CA LEU D 135 -10.95 6.95 -4.61
C LEU D 135 -11.33 5.49 -4.87
N ALA D 136 -11.90 5.21 -6.05
CA ALA D 136 -12.15 3.83 -6.43
C ALA D 136 -10.84 3.05 -6.55
N ASN D 137 -9.81 3.67 -7.13
CA ASN D 137 -8.50 3.03 -7.14
C ASN D 137 -8.01 2.75 -5.72
N GLU D 138 -8.20 3.72 -4.81
CA GLU D 138 -7.78 3.61 -3.42
C GLU D 138 -8.61 2.54 -2.68
N ASP D 139 -9.93 2.54 -2.85
CA ASP D 139 -10.68 1.52 -2.16
C ASP D 139 -10.27 0.14 -2.65
N LYS D 140 -9.96 0.01 -3.94
CA LYS D 140 -9.56 -1.30 -4.45
C LYS D 140 -8.25 -1.78 -3.82
N GLU D 141 -7.26 -0.91 -3.68
CA GLU D 141 -6.01 -1.37 -3.12
C GLU D 141 -6.10 -1.57 -1.61
N GLN D 142 -7.12 -0.97 -0.97
CA GLN D 142 -7.45 -1.31 0.41
C GLN D 142 -7.98 -2.73 0.51
N LYS D 143 -8.91 -3.10 -0.38
CA LYS D 143 -9.44 -4.44 -0.37
C LYS D 143 -8.37 -5.47 -0.72
N LEU D 144 -7.47 -5.14 -1.65
CA LEU D 144 -6.35 -6.03 -1.92
C LEU D 144 -5.61 -6.36 -0.63
N ALA D 145 -5.06 -5.33 0.01
CA ALA D 145 -4.29 -5.51 1.24
C ALA D 145 -5.04 -6.35 2.27
N LEU D 146 -6.35 -6.12 2.39
CA LEU D 146 -7.14 -6.84 3.38
C LEU D 146 -7.32 -8.32 3.00
N LEU D 147 -7.59 -8.60 1.72
CA LEU D 147 -7.79 -9.97 1.30
C LEU D 147 -6.48 -10.76 1.31
N GLU D 148 -5.34 -10.07 1.19
CA GLU D 148 -4.08 -10.79 1.09
C GLU D 148 -3.53 -11.10 2.46
N GLU D 149 -3.92 -10.35 3.49
CA GLU D 149 -3.60 -10.80 4.84
C GLU D 149 -4.62 -11.84 5.31
N ALA D 150 -5.82 -11.85 4.73
CA ALA D 150 -6.77 -12.93 4.98
C ALA D 150 -6.39 -14.20 4.23
N ARG D 151 -5.77 -14.03 3.07
CA ARG D 151 -5.24 -15.14 2.29
C ARG D 151 -4.09 -15.81 3.05
N THR D 152 -3.21 -15.02 3.67
CA THR D 152 -2.05 -15.54 4.39
C THR D 152 -2.37 -15.90 5.84
N ALA D 153 -3.57 -15.55 6.32
CA ALA D 153 -4.08 -16.05 7.58
C ALA D 153 -4.57 -17.49 7.43
N VAL D 154 -5.44 -17.74 6.45
CA VAL D 154 -5.99 -19.08 6.27
C VAL D 154 -4.93 -20.04 5.72
N GLY D 155 -3.84 -19.50 5.17
CA GLY D 155 -2.69 -20.34 4.89
C GLY D 155 -2.06 -20.88 6.16
N LYS D 156 -1.72 -19.98 7.10
CA LYS D 156 -1.20 -20.43 8.38
C LYS D 156 -2.21 -21.29 9.14
N GLU D 157 -3.50 -21.16 8.81
CA GLU D 157 -4.48 -22.05 9.44
C GLU D 157 -4.42 -23.44 8.82
N ALA D 158 -4.40 -23.52 7.48
CA ALA D 158 -4.26 -24.80 6.81
C ALA D 158 -2.96 -25.51 7.21
N GLY D 159 -1.85 -24.78 7.35
CA GLY D 159 -0.58 -25.41 7.68
C GLY D 159 -0.59 -26.03 9.07
N GLU D 160 -1.25 -25.38 10.02
CA GLU D 160 -1.44 -25.96 11.34
C GLU D 160 -2.32 -27.21 11.28
N LEU D 161 -3.37 -27.16 10.46
CA LEU D 161 -4.28 -28.30 10.37
C LEU D 161 -3.67 -29.47 9.60
N ARG D 162 -2.58 -29.26 8.86
CA ARG D 162 -1.97 -30.39 8.19
C ARG D 162 -0.98 -31.11 9.10
N THR D 163 -0.18 -30.37 9.88
CA THR D 163 0.65 -31.04 10.87
C THR D 163 -0.23 -31.76 11.87
N GLY D 164 -1.25 -31.08 12.41
CA GLY D 164 -2.15 -31.73 13.34
C GLY D 164 -2.74 -33.04 12.82
N LEU D 165 -3.10 -33.07 11.53
CA LEU D 165 -3.74 -34.25 10.97
C LEU D 165 -2.77 -35.42 10.85
N GLN D 166 -1.51 -35.12 10.54
CA GLN D 166 -0.47 -36.14 10.39
C GLN D 166 -0.08 -36.74 11.75
N GLU D 167 -0.11 -35.95 12.83
CA GLU D 167 0.26 -36.46 14.15
C GLU D 167 -0.86 -37.29 14.78
N VAL D 168 -2.12 -37.02 14.42
CA VAL D 168 -3.20 -37.89 14.86
C VAL D 168 -3.19 -39.21 14.08
N GLU D 169 -3.02 -39.14 12.76
CA GLU D 169 -2.89 -40.37 11.99
C GLU D 169 -1.63 -41.14 12.35
N ARG D 170 -0.50 -40.44 12.61
CA ARG D 170 0.67 -41.13 13.14
C ARG D 170 0.34 -41.87 14.41
N SER D 171 -0.37 -41.21 15.33
CA SER D 171 -0.72 -41.89 16.56
C SER D 171 -1.81 -42.94 16.34
N ARG D 172 -2.60 -42.82 15.27
CA ARG D 172 -3.58 -43.87 14.99
C ARG D 172 -2.90 -45.15 14.53
N LEU D 173 -1.89 -45.02 13.66
CA LEU D 173 -1.14 -46.17 13.19
C LEU D 173 -0.52 -46.92 14.36
N GLU D 174 0.25 -46.22 15.22
CA GLU D 174 0.92 -46.93 16.31
C GLU D 174 -0.08 -47.62 17.25
N ALA D 175 -1.37 -47.24 17.24
CA ALA D 175 -2.33 -47.94 18.09
C ALA D 175 -2.85 -49.23 17.45
N ARG D 176 -3.15 -49.21 16.14
CA ARG D 176 -3.63 -50.41 15.48
C ARG D 176 -2.49 -51.40 15.27
N ARG D 177 -1.30 -50.89 15.00
CA ARG D 177 -0.11 -51.74 15.00
C ARG D 177 0.02 -52.45 16.35
N GLU D 178 0.06 -51.67 17.43
CA GLU D 178 0.04 -52.21 18.78
C GLU D 178 -1.17 -53.10 19.02
N LEU D 179 -2.26 -52.90 18.26
CA LEU D 179 -3.45 -53.71 18.45
C LEU D 179 -3.31 -55.10 17.82
N GLN D 180 -2.67 -55.17 16.64
CA GLN D 180 -2.39 -56.46 16.03
C GLN D 180 -1.36 -57.23 16.85
N GLU D 181 -0.36 -56.52 17.35
CA GLU D 181 0.64 -57.17 18.20
C GLU D 181 -0.01 -57.78 19.42
N LEU D 182 -1.01 -57.10 19.98
CA LEU D 182 -1.68 -57.67 21.16
C LEU D 182 -2.64 -58.78 20.79
N ARG D 183 -3.05 -58.88 19.52
CA ARG D 183 -3.94 -59.95 19.09
C ARG D 183 -3.15 -61.23 18.79
N ARG D 184 -2.00 -61.06 18.13
CA ARG D 184 -1.08 -62.16 17.92
C ARG D 184 -0.67 -62.77 19.23
N GLN D 185 -0.46 -61.94 20.25
CA GLN D 185 0.02 -62.48 21.51
C GLN D 185 -1.08 -63.22 22.26
N MSE D 186 -2.35 -62.88 22.03
CA MSE D 186 -3.47 -63.58 22.66
C MSE D 186 -3.76 -64.94 22.05
O MSE D 186 -4.27 -65.84 22.72
CB MSE D 186 -4.74 -62.74 22.58
CG MSE D 186 -4.67 -61.55 23.52
SE MSE D 186 -6.25 -60.43 23.53
CE MSE D 186 -7.51 -61.73 24.26
N LYS D 187 -3.45 -65.08 20.77
CA LYS D 187 -3.56 -66.36 20.09
C LYS D 187 -2.41 -67.28 20.44
N MSE D 188 -1.32 -66.71 20.94
CA MSE D 188 -0.15 -67.44 21.40
C MSE D 188 -0.41 -67.86 22.81
O MSE D 188 0.08 -68.89 23.26
CB MSE D 188 1.08 -66.54 21.35
CG MSE D 188 2.41 -67.22 21.52
SE MSE D 188 2.85 -68.21 19.91
CE MSE D 188 3.24 -66.70 18.71
N LEU D 189 -1.19 -67.07 23.53
CA LEU D 189 -1.49 -67.43 24.91
C LEU D 189 -2.68 -68.38 24.97
N ASP D 190 -3.69 -68.18 24.11
CA ASP D 190 -4.69 -69.23 23.91
C ASP D 190 -4.04 -70.56 23.61
N SER D 191 -2.99 -70.55 22.78
CA SER D 191 -2.28 -71.77 22.43
C SER D 191 -1.69 -72.47 23.65
N GLU D 192 -1.36 -71.72 24.70
CA GLU D 192 -0.77 -72.32 25.88
C GLU D 192 -1.80 -72.73 26.93
N ASN D 193 -2.93 -72.03 27.00
CA ASN D 193 -4.00 -72.51 27.86
C ASN D 193 -4.58 -73.84 27.36
N THR D 194 -4.49 -74.10 26.04
CA THR D 194 -4.99 -75.38 25.53
C THR D 194 -3.96 -76.47 25.69
N ARG D 195 -2.67 -76.14 25.55
CA ARG D 195 -1.62 -77.06 25.97
C ARG D 195 -1.80 -77.46 27.43
N LEU D 196 -2.05 -76.50 28.32
CA LEU D 196 -2.17 -76.83 29.73
C LEU D 196 -3.37 -77.73 30.01
N GLY D 197 -4.50 -77.49 29.33
CA GLY D 197 -5.66 -78.35 29.53
C GLY D 197 -5.42 -79.79 29.10
N ARG D 198 -4.55 -79.99 28.11
CA ARG D 198 -4.15 -81.33 27.69
C ARG D 198 -3.32 -82.01 28.77
N GLU D 199 -2.54 -81.24 29.52
CA GLU D 199 -1.70 -81.85 30.53
C GLU D 199 -2.51 -82.20 31.77
N LEU D 200 -3.49 -81.38 32.11
CA LEU D 200 -4.30 -81.63 33.29
C LEU D 200 -5.16 -82.88 33.14
N ALA D 201 -5.76 -83.08 31.97
CA ALA D 201 -6.56 -84.29 31.78
C ALA D 201 -5.66 -85.52 31.72
N GLU D 202 -4.44 -85.37 31.21
CA GLU D 202 -3.49 -86.47 31.29
C GLU D 202 -3.28 -86.91 32.73
N LEU D 203 -3.19 -85.96 33.65
CA LEU D 203 -2.96 -86.33 35.05
C LEU D 203 -4.25 -86.66 35.79
N GLN D 204 -5.28 -85.81 35.70
CA GLN D 204 -6.57 -86.16 36.26
C GLN D 204 -7.00 -87.57 35.84
N GLY D 205 -6.82 -87.92 34.57
CA GLY D 205 -7.18 -89.23 34.09
C GLY D 205 -6.17 -90.32 34.38
N ARG D 206 -5.17 -90.01 35.21
CA ARG D 206 -4.14 -90.95 35.59
C ARG D 206 -4.26 -91.40 37.03
N LEU D 207 -4.61 -90.49 37.94
CA LEU D 207 -4.84 -90.85 39.33
C LEU D 207 -6.19 -91.52 39.52
N ALA D 208 -7.27 -90.95 38.98
CA ALA D 208 -8.60 -91.54 39.14
C ALA D 208 -8.73 -92.81 38.30
#